data_6T7C
#
_entry.id   6T7C
#
_cell.length_a   1.00
_cell.length_b   1.00
_cell.length_c   1.00
_cell.angle_alpha   90.00
_cell.angle_beta   90.00
_cell.angle_gamma   90.00
#
_symmetry.space_group_name_H-M   'P 1'
#
loop_
_entity.id
_entity.type
_entity.pdbx_description
1 polymer 'Histone H3.2'
2 polymer 'Histone H4'
3 polymer 'Histone H2A type 1-B/E'
4 polymer 'Histone H2B type 1-K'
5 polymer 'DNA (147-MER)'
6 polymer 'DNA (147-MER)'
7 polymer 'Transcription factor SOX-11'
#
loop_
_entity_poly.entity_id
_entity_poly.type
_entity_poly.pdbx_seq_one_letter_code
_entity_poly.pdbx_strand_id
1 'polypeptide(L)'
;MARTKQTARKSTGGKAPRKQLATKAARKSAPATGGVKKPHRYRPGTVALREIRRYQKSTELLIRKLPFQRLVREIAQDFK
TDLRFQSSAVMALQEASEAYLVGLFEDTNLAAIHAKRVTIMPKDIQLARRIRGERA
;
A,E
2 'polypeptide(L)'
;MSGRGKGGKGLGKGGAKRHRKVLRDNIQGITKPAIRRLARRGGVKRISGLIYEETRGVLKVFLENVIRDAVTYTEHAKRK
TVTAMDVVYALKRQGRTLYGFGG
;
B,F
3 'polypeptide(L)'
;MGSSHHHHHHENLYFQSNAPWMSGRGKQGGKARAKAKTRSSRAGLQFPVGRVHRLLRKGNYSERVGAGAPVYLAAVLEYL
TAEILELAGNAARDNKKTRIIPRHLQLAIRNDEELNKLLGRVTIAQGGVLPNIQAVLLPKKTESHHKAKGK
;
C,G
4 'polypeptide(L)'
;MPEPAKSAPAPKKGSKKAVTKAQKKDGKKRKRSRKESYSVYVYKVLKQVHPDTGISSKAMGIMNSFVNDIFERIAGEASR
LAHYNKRSTITSREIQTAVRLLLPGELAKHAVSEGTKAVTKYTSAK
;
D,H
5 'polydeoxyribonucleotide'
;(DA)(DT)(DC)(DT)(DA)(DC)(DA)(DC)(DG)(DA)(DC)(DG)(DC)(DT)(DC)(DT)(DT)(DC)(DC)(DG)
(DA)(DT)(DC)(DT)(DA)(DA)(DT)(DT)(DT)(DA)(DT)(DG)(DT)(DT)(DT)(DG)(DT)(DT)(DA)(DG)
(DC)(DG)(DT)(DT)(DA)(DT)(DA)(DC)(DT)(DA)(DT)(DT)(DC)(DT)(DA)(DA)(DT)(DT)(DC)(DT)
(DT)(DT)(DG)(DT)(DT)(DT)(DC)(DG)(DG)(DT)(DG)(DG)(DT)(DA)(DT)(DT)(DG)(DT)(DT)(DT)
(DA)(DT)(DT)(DT)(DT)(DG)(DT)(DT)(DC)(DC)(DT)(DT)(DT)(DG)(DT)(DG)(DC)(DG)(DT)(DT)
(DC)(DA)(DG)(DC)(DT)(DT)(DA)(DA)(DT)(DG)(DC)(DC)(DT)(DA)(DA)(DC)(DG)(DA)(DC)(DA)
(DC)(DT)(DC)(DG)(DG)(DA)(DG)(DA)(DT)(DC)(DG)(DG)(DA)(DA)(DG)(DA)(DG)(DC)(DA)(DC)
(DA)(DC)(DG)(DT)(DG)(DA)(DT)
;
I
6 'polydeoxyribonucleotide'
;(DA)(DT)(DC)(DA)(DC)(DG)(DT)(DG)(DT)(DG)(DC)(DT)(DC)(DT)(DT)(DC)(DC)(DG)(DA)(DT)
(DC)(DT)(DC)(DC)(DG)(DA)(DG)(DT)(DG)(DT)(DC)(DG)(DT)(DT)(DA)(DG)(DG)(DC)(DA)(DT)
(DT)(DA)(DA)(DG)(DC)(DT)(DG)(DA)(DA)(DC)(DG)(DC)(DA)(DC)(DA)(DA)(DA)(DG)(DG)(DA)
(DA)(DC)(DA)(DA)(DA)(DA)(DT)(DA)(DA)(DA)(DC)(DA)(DA)(DT)(DA)(DC)(DC)(DA)(DC)(DC)
(DG)(DA)(DA)(DA)(DC)(DA)(DA)(DA)(DG)(DA)(DA)(DT)(DT)(DA)(DG)(DA)(DA)(DT)(DA)(DG)
(DT)(DA)(DT)(DA)(DA)(DC)(DG)(DC)(DT)(DA)(DA)(DC)(DA)(DA)(DA)(DC)(DA)(DT)(DA)(DA)
(DA)(DT)(DT)(DA)(DG)(DA)(DT)(DC)(DG)(DG)(DA)(DA)(DG)(DA)(DG)(DC)(DG)(DT)(DC)(DG)
(DT)(DG)(DT)(DA)(DG)(DA)(DT)
;
J
7 'polypeptide(L)'
;SNAALDESDPDWCKTASGHIKRPMNAFMVWSKIERRKIMEQSPDMHNAEISKRLGKRWKMLKDSEKIPFIREAERLRLKH
MADYPDYKYRPRKKPKMDPSAKPSASQSP
;
K,L
#
loop_
_chem_comp.id
_chem_comp.type
_chem_comp.name
_chem_comp.formula
DA DNA linking 2'-DEOXYADENOSINE-5'-MONOPHOSPHATE 'C10 H14 N5 O6 P'
DC DNA linking 2'-DEOXYCYTIDINE-5'-MONOPHOSPHATE 'C9 H14 N3 O7 P'
DG DNA linking 2'-DEOXYGUANOSINE-5'-MONOPHOSPHATE 'C10 H14 N5 O7 P'
DT DNA linking THYMIDINE-5'-MONOPHOSPHATE 'C10 H15 N2 O8 P'
#
# COMPACT_ATOMS: atom_id res chain seq x y z
N LYS A 38 -42.48 -19.26 -35.56
CA LYS A 38 -41.06 -18.94 -35.53
C LYS A 38 -40.75 -17.88 -34.48
N PRO A 39 -40.23 -18.28 -33.32
CA PRO A 39 -39.89 -17.30 -32.30
C PRO A 39 -38.69 -16.46 -32.72
N HIS A 40 -38.58 -15.29 -32.10
CA HIS A 40 -37.51 -14.35 -32.38
C HIS A 40 -36.38 -14.57 -31.39
N ARG A 41 -35.16 -14.62 -31.91
CA ARG A 41 -33.98 -14.85 -31.09
C ARG A 41 -33.00 -13.71 -31.28
N TYR A 42 -32.37 -13.28 -30.19
CA TYR A 42 -31.31 -12.29 -30.26
C TYR A 42 -30.00 -12.95 -30.68
N ARG A 43 -28.96 -12.13 -30.76
CA ARG A 43 -27.64 -12.59 -31.15
C ARG A 43 -26.72 -12.63 -29.93
N PRO A 44 -25.70 -13.49 -29.93
CA PRO A 44 -24.76 -13.49 -28.81
C PRO A 44 -24.00 -12.18 -28.72
N GLY A 45 -24.05 -11.55 -27.55
CA GLY A 45 -23.48 -10.25 -27.33
C GLY A 45 -24.49 -9.12 -27.32
N THR A 46 -25.60 -9.26 -28.05
CA THR A 46 -26.57 -8.18 -28.11
C THR A 46 -27.25 -7.98 -26.77
N VAL A 47 -27.61 -9.08 -26.11
CA VAL A 47 -28.24 -9.00 -24.80
C VAL A 47 -27.20 -8.68 -23.75
N ALA A 48 -25.95 -9.06 -24.03
CA ALA A 48 -24.88 -8.93 -23.05
C ALA A 48 -24.57 -7.47 -22.76
N LEU A 49 -24.66 -6.60 -23.76
CA LEU A 49 -24.39 -5.19 -23.52
C LEU A 49 -25.48 -4.57 -22.66
N ARG A 50 -26.72 -4.96 -22.91
CA ARG A 50 -27.80 -4.46 -22.07
C ARG A 50 -27.66 -4.95 -20.64
N GLU A 51 -27.20 -6.19 -20.47
CA GLU A 51 -26.97 -6.68 -19.12
C GLU A 51 -25.82 -5.94 -18.44
N ILE A 52 -24.77 -5.65 -19.20
CA ILE A 52 -23.66 -4.90 -18.66
C ILE A 52 -24.10 -3.53 -18.21
N ARG A 53 -24.94 -2.88 -19.02
CA ARG A 53 -25.40 -1.55 -18.67
C ARG A 53 -26.30 -1.56 -17.45
N ARG A 54 -27.22 -2.52 -17.37
CA ARG A 54 -28.13 -2.53 -16.24
C ARG A 54 -27.46 -2.98 -14.96
N TYR A 55 -26.38 -3.75 -15.04
CA TYR A 55 -25.68 -4.12 -13.84
C TYR A 55 -24.66 -3.09 -13.42
N GLN A 56 -24.16 -2.29 -14.36
CA GLN A 56 -23.33 -1.17 -13.99
C GLN A 56 -24.17 -0.06 -13.40
N LYS A 57 -25.41 0.07 -13.84
CA LYS A 57 -26.30 1.07 -13.25
C LYS A 57 -26.73 0.65 -11.86
N SER A 58 -27.15 -0.61 -11.72
CA SER A 58 -27.71 -1.07 -10.46
C SER A 58 -26.60 -1.38 -9.47
N THR A 59 -26.93 -1.17 -8.19
CA THR A 59 -25.95 -1.18 -7.13
C THR A 59 -26.16 -2.30 -6.12
N GLU A 60 -27.03 -3.25 -6.40
CA GLU A 60 -27.30 -4.31 -5.44
C GLU A 60 -26.20 -5.36 -5.47
N LEU A 61 -26.33 -6.34 -4.58
CA LEU A 61 -25.40 -7.46 -4.55
C LEU A 61 -25.93 -8.55 -5.47
N LEU A 62 -25.01 -9.20 -6.17
CA LEU A 62 -25.37 -10.11 -7.24
C LEU A 62 -25.29 -11.57 -6.84
N ILE A 63 -24.74 -11.89 -5.68
CA ILE A 63 -24.76 -13.24 -5.14
C ILE A 63 -25.61 -13.24 -3.87
N ARG A 64 -26.35 -14.32 -3.67
CA ARG A 64 -27.34 -14.36 -2.62
C ARG A 64 -26.68 -14.42 -1.25
N LYS A 65 -27.39 -13.90 -0.24
CA LYS A 65 -26.80 -13.73 1.08
C LYS A 65 -26.65 -15.05 1.83
N LEU A 66 -27.54 -15.99 1.59
CA LEU A 66 -27.50 -17.23 2.34
C LEU A 66 -26.37 -18.17 1.94
N PRO A 67 -26.09 -18.36 0.66
CA PRO A 67 -24.90 -19.14 0.31
C PRO A 67 -23.63 -18.48 0.76
N PHE A 68 -23.60 -17.16 0.82
CA PHE A 68 -22.43 -16.47 1.34
C PHE A 68 -22.29 -16.68 2.84
N GLN A 69 -23.42 -16.70 3.55
CA GLN A 69 -23.38 -17.02 4.97
C GLN A 69 -22.85 -18.43 5.19
N ARG A 70 -23.32 -19.37 4.38
CA ARG A 70 -22.91 -20.76 4.54
C ARG A 70 -21.44 -20.92 4.21
N LEU A 71 -20.97 -20.22 3.19
CA LEU A 71 -19.57 -20.35 2.82
C LEU A 71 -18.66 -19.68 3.83
N VAL A 72 -19.05 -18.53 4.37
CA VAL A 72 -18.21 -17.88 5.35
C VAL A 72 -18.14 -18.71 6.62
N ARG A 73 -19.26 -19.30 7.02
CA ARG A 73 -19.24 -20.16 8.19
C ARG A 73 -18.53 -21.48 7.90
N GLU A 74 -18.47 -21.91 6.64
CA GLU A 74 -17.73 -23.11 6.30
C GLU A 74 -16.23 -22.85 6.39
N ILE A 75 -15.80 -21.72 5.88
CA ILE A 75 -14.38 -21.39 5.88
C ILE A 75 -13.89 -21.08 7.29
N ALA A 76 -14.67 -20.36 8.07
CA ALA A 76 -14.19 -19.93 9.38
C ALA A 76 -14.22 -21.02 10.42
N GLN A 77 -14.61 -22.25 10.07
CA GLN A 77 -14.44 -23.36 10.99
C GLN A 77 -12.96 -23.66 11.22
N ASP A 78 -12.16 -23.60 10.16
CA ASP A 78 -10.79 -24.09 10.21
C ASP A 78 -9.85 -23.20 11.00
N PHE A 79 -10.29 -22.00 11.37
CA PHE A 79 -9.48 -21.13 12.22
C PHE A 79 -9.94 -21.16 13.66
N LYS A 80 -11.25 -21.16 13.89
CA LYS A 80 -11.79 -21.43 15.21
C LYS A 80 -13.22 -21.91 15.04
N THR A 81 -13.52 -23.08 15.57
CA THR A 81 -14.87 -23.61 15.50
C THR A 81 -15.80 -22.88 16.45
N ASP A 82 -17.09 -22.96 16.15
CA ASP A 82 -18.14 -22.30 16.92
C ASP A 82 -17.93 -20.79 16.98
N LEU A 83 -18.01 -20.17 15.82
CA LEU A 83 -18.02 -18.72 15.73
C LEU A 83 -19.42 -18.25 15.35
N ARG A 84 -19.85 -17.15 15.95
CA ARG A 84 -21.09 -16.52 15.55
C ARG A 84 -20.77 -15.35 14.63
N PHE A 85 -21.45 -15.30 13.50
CA PHE A 85 -21.24 -14.24 12.52
C PHE A 85 -22.42 -13.27 12.56
N GLN A 86 -22.13 -12.01 12.84
CA GLN A 86 -23.14 -10.98 12.70
C GLN A 86 -23.57 -10.86 11.25
N SER A 87 -24.83 -10.49 11.04
CA SER A 87 -25.32 -10.31 9.69
C SER A 87 -24.63 -9.15 9.00
N SER A 88 -24.29 -8.10 9.76
CA SER A 88 -23.57 -6.99 9.19
C SER A 88 -22.15 -7.37 8.78
N ALA A 89 -21.54 -8.32 9.49
CA ALA A 89 -20.21 -8.75 9.11
C ALA A 89 -20.22 -9.54 7.81
N VAL A 90 -21.21 -10.43 7.66
CA VAL A 90 -21.29 -11.17 6.42
C VAL A 90 -21.69 -10.24 5.28
N MET A 91 -22.47 -9.21 5.55
CA MET A 91 -22.78 -8.25 4.51
C MET A 91 -21.55 -7.45 4.10
N ALA A 92 -20.72 -7.07 5.06
CA ALA A 92 -19.50 -6.34 4.73
C ALA A 92 -18.54 -7.22 3.95
N LEU A 93 -18.45 -8.49 4.31
CA LEU A 93 -17.63 -9.41 3.54
C LEU A 93 -18.18 -9.59 2.15
N GLN A 94 -19.49 -9.55 1.98
CA GLN A 94 -20.04 -9.69 0.65
C GLN A 94 -19.78 -8.45 -0.18
N GLU A 95 -19.83 -7.28 0.43
CA GLU A 95 -19.54 -6.05 -0.29
C GLU A 95 -18.09 -6.05 -0.77
N ALA A 96 -17.16 -6.37 0.11
CA ALA A 96 -15.76 -6.35 -0.28
C ALA A 96 -15.43 -7.48 -1.25
N SER A 97 -16.11 -8.61 -1.13
CA SER A 97 -15.92 -9.71 -2.06
C SER A 97 -16.36 -9.31 -3.46
N GLU A 98 -17.54 -8.70 -3.56
CA GLU A 98 -18.03 -8.28 -4.87
C GLU A 98 -17.15 -7.19 -5.45
N ALA A 99 -16.62 -6.31 -4.59
CA ALA A 99 -15.75 -5.25 -5.09
C ALA A 99 -14.44 -5.83 -5.61
N TYR A 100 -13.86 -6.78 -4.88
CA TYR A 100 -12.61 -7.38 -5.29
C TYR A 100 -12.78 -8.16 -6.58
N LEU A 101 -13.85 -8.92 -6.70
CA LEU A 101 -14.03 -9.69 -7.92
C LEU A 101 -14.37 -8.81 -9.10
N VAL A 102 -15.07 -7.71 -8.88
CA VAL A 102 -15.38 -6.81 -9.97
C VAL A 102 -14.13 -6.10 -10.46
N GLY A 103 -13.27 -5.68 -9.53
CA GLY A 103 -12.01 -5.08 -9.94
C GLY A 103 -11.12 -6.08 -10.65
N LEU A 104 -11.08 -7.30 -10.16
CA LEU A 104 -10.28 -8.32 -10.81
C LEU A 104 -10.81 -8.65 -12.19
N PHE A 105 -12.12 -8.57 -12.38
CA PHE A 105 -12.66 -8.84 -13.70
C PHE A 105 -12.48 -7.66 -14.64
N GLU A 106 -12.41 -6.45 -14.11
CA GLU A 106 -12.03 -5.31 -14.93
C GLU A 106 -10.60 -5.47 -15.44
N ASP A 107 -9.70 -5.84 -14.56
CA ASP A 107 -8.32 -6.07 -14.99
C ASP A 107 -8.22 -7.26 -15.92
N THR A 108 -9.05 -8.27 -15.71
CA THR A 108 -9.09 -9.40 -16.62
C THR A 108 -9.54 -8.97 -18.00
N ASN A 109 -10.51 -8.06 -18.07
CA ASN A 109 -10.96 -7.58 -19.37
C ASN A 109 -9.93 -6.71 -20.02
N LEU A 110 -9.18 -5.94 -19.22
CA LEU A 110 -8.10 -5.16 -19.78
C LEU A 110 -7.05 -6.05 -20.41
N ALA A 111 -6.68 -7.13 -19.72
CA ALA A 111 -5.66 -8.02 -20.23
C ALA A 111 -6.14 -8.84 -21.41
N ALA A 112 -7.41 -9.22 -21.43
CA ALA A 112 -7.90 -10.00 -22.54
C ALA A 112 -8.09 -9.14 -23.78
N ILE A 113 -8.46 -7.89 -23.58
CA ILE A 113 -8.52 -6.94 -24.68
C ILE A 113 -7.13 -6.66 -25.20
N HIS A 114 -6.15 -6.63 -24.30
CA HIS A 114 -4.79 -6.31 -24.73
C HIS A 114 -4.24 -7.40 -25.63
N ALA A 115 -4.58 -8.65 -25.36
CA ALA A 115 -4.16 -9.76 -26.19
C ALA A 115 -5.08 -9.95 -27.37
N LYS A 116 -5.90 -8.96 -27.68
CA LYS A 116 -6.83 -9.02 -28.78
C LYS A 116 -7.80 -10.19 -28.64
N ARG A 117 -8.45 -10.25 -27.49
CA ARG A 117 -9.53 -11.19 -27.25
C ARG A 117 -10.66 -10.43 -26.59
N VAL A 118 -11.85 -11.04 -26.62
CA VAL A 118 -12.95 -10.60 -25.79
C VAL A 118 -13.35 -11.66 -24.78
N THR A 119 -13.30 -12.92 -25.17
CA THR A 119 -13.59 -14.02 -24.26
C THR A 119 -12.41 -14.14 -23.30
N ILE A 120 -12.62 -13.75 -22.05
CA ILE A 120 -11.55 -13.86 -21.07
C ILE A 120 -11.30 -15.32 -20.71
N MET A 121 -10.08 -15.56 -20.23
CA MET A 121 -9.56 -16.89 -19.99
C MET A 121 -8.87 -16.89 -18.63
N PRO A 122 -8.67 -18.06 -18.03
CA PRO A 122 -8.10 -18.09 -16.68
C PRO A 122 -6.67 -17.63 -16.63
N LYS A 123 -5.93 -17.74 -17.72
CA LYS A 123 -4.59 -17.21 -17.76
C LYS A 123 -4.60 -15.70 -17.66
N ASP A 124 -5.67 -15.07 -18.13
CA ASP A 124 -5.80 -13.63 -17.94
C ASP A 124 -5.99 -13.29 -16.48
N ILE A 125 -6.72 -14.13 -15.75
CA ILE A 125 -6.90 -13.91 -14.33
C ILE A 125 -5.57 -14.07 -13.60
N GLN A 126 -4.83 -15.12 -13.95
CA GLN A 126 -3.56 -15.34 -13.28
C GLN A 126 -2.57 -14.25 -13.62
N LEU A 127 -2.60 -13.77 -14.85
CA LEU A 127 -1.74 -12.65 -15.22
C LEU A 127 -2.10 -11.39 -14.46
N ALA A 128 -3.37 -11.05 -14.43
CA ALA A 128 -3.78 -9.83 -13.76
C ALA A 128 -3.59 -9.91 -12.26
N ARG A 129 -3.55 -11.11 -11.71
CA ARG A 129 -3.16 -11.25 -10.32
C ARG A 129 -1.66 -11.13 -10.16
N ARG A 130 -0.91 -11.58 -11.15
CA ARG A 130 0.55 -11.57 -11.05
C ARG A 130 1.09 -10.17 -11.15
N ILE A 131 0.54 -9.38 -12.07
CA ILE A 131 0.98 -8.01 -12.24
C ILE A 131 0.61 -7.19 -11.02
N ARG A 132 -0.52 -7.51 -10.39
CA ARG A 132 -1.08 -6.66 -9.35
C ARG A 132 -0.28 -6.72 -8.06
N GLY A 133 0.63 -7.67 -7.94
CA GLY A 133 1.30 -7.89 -6.68
C GLY A 133 0.64 -8.92 -5.78
N GLU A 134 -0.27 -9.73 -6.32
CA GLU A 134 -0.92 -10.75 -5.52
C GLU A 134 -0.06 -12.00 -5.43
N ARG A 135 0.34 -12.55 -6.58
CA ARG A 135 1.19 -13.72 -6.59
C ARG A 135 2.00 -13.79 -7.88
N HIS B 19 -26.75 -27.33 18.34
CA HIS B 19 -26.22 -26.26 17.49
C HIS B 19 -24.85 -26.64 16.91
N ARG B 20 -24.45 -27.90 17.09
CA ARG B 20 -23.20 -28.39 16.53
C ARG B 20 -23.42 -28.87 15.11
N LYS B 21 -22.54 -28.46 14.21
CA LYS B 21 -22.70 -28.78 12.79
C LYS B 21 -21.39 -28.52 12.07
N VAL B 22 -21.07 -29.38 11.10
CA VAL B 22 -19.94 -29.19 10.21
C VAL B 22 -20.47 -28.95 8.79
N LEU B 23 -19.73 -28.16 8.03
CA LEU B 23 -20.12 -27.74 6.70
C LEU B 23 -19.17 -28.26 5.65
N ARG B 24 -19.69 -28.40 4.43
CA ARG B 24 -18.92 -28.98 3.34
C ARG B 24 -19.50 -28.51 2.01
N ASP B 25 -18.63 -28.32 1.03
CA ASP B 25 -19.03 -28.09 -0.37
C ASP B 25 -19.86 -26.81 -0.53
N ASN B 26 -19.49 -25.77 0.20
CA ASN B 26 -20.22 -24.51 0.10
C ASN B 26 -19.72 -23.62 -1.02
N ILE B 27 -18.66 -24.03 -1.72
CA ILE B 27 -18.17 -23.27 -2.86
C ILE B 27 -19.00 -23.47 -4.11
N GLN B 28 -19.83 -24.49 -4.14
CA GLN B 28 -20.80 -24.61 -5.22
C GLN B 28 -22.01 -23.72 -4.98
N GLY B 29 -22.14 -23.15 -3.79
CA GLY B 29 -23.28 -22.28 -3.51
C GLY B 29 -23.17 -20.93 -4.18
N ILE B 30 -21.96 -20.52 -4.54
CA ILE B 30 -21.73 -19.34 -5.34
C ILE B 30 -21.76 -19.78 -6.81
N THR B 31 -22.89 -19.56 -7.46
CA THR B 31 -23.20 -20.31 -8.66
C THR B 31 -22.64 -19.61 -9.88
N LYS B 32 -22.68 -20.31 -10.99
CA LYS B 32 -22.09 -19.83 -12.24
C LYS B 32 -22.85 -18.68 -12.88
N PRO B 33 -24.17 -18.72 -12.95
CA PRO B 33 -24.91 -17.51 -13.32
C PRO B 33 -25.02 -16.47 -12.22
N ALA B 34 -24.31 -16.68 -11.11
CA ALA B 34 -24.06 -15.63 -10.15
C ALA B 34 -22.62 -15.15 -10.20
N ILE B 35 -21.75 -15.89 -10.87
CA ILE B 35 -20.44 -15.40 -11.24
C ILE B 35 -20.54 -14.52 -12.48
N ARG B 36 -21.42 -14.90 -13.40
CA ARG B 36 -21.55 -14.14 -14.63
C ARG B 36 -22.04 -12.73 -14.38
N ARG B 37 -22.81 -12.51 -13.31
CA ARG B 37 -23.25 -11.16 -13.01
C ARG B 37 -22.14 -10.32 -12.41
N LEU B 38 -21.30 -10.92 -11.57
CA LEU B 38 -20.14 -10.20 -11.07
C LEU B 38 -19.16 -9.91 -12.18
N ALA B 39 -19.11 -10.76 -13.19
CA ALA B 39 -18.24 -10.49 -14.33
C ALA B 39 -18.82 -9.40 -15.22
N ARG B 40 -20.11 -9.45 -15.50
CA ARG B 40 -20.70 -8.49 -16.40
C ARG B 40 -20.94 -7.15 -15.73
N ARG B 41 -20.78 -7.06 -14.42
CA ARG B 41 -20.67 -5.74 -13.82
C ARG B 41 -19.35 -5.09 -14.16
N GLY B 42 -18.28 -5.87 -14.13
CA GLY B 42 -16.96 -5.36 -14.43
C GLY B 42 -16.70 -5.09 -15.89
N GLY B 43 -17.68 -5.32 -16.76
CA GLY B 43 -17.56 -4.99 -18.15
C GLY B 43 -17.22 -6.14 -19.07
N VAL B 44 -17.27 -7.37 -18.59
CA VAL B 44 -16.90 -8.51 -19.40
C VAL B 44 -18.01 -8.85 -20.36
N LYS B 45 -17.66 -9.02 -21.62
CA LYS B 45 -18.63 -9.32 -22.66
C LYS B 45 -18.77 -10.82 -22.94
N ARG B 46 -17.71 -11.59 -22.78
CA ARG B 46 -17.78 -13.03 -22.96
C ARG B 46 -16.94 -13.74 -21.92
N ILE B 47 -17.49 -14.81 -21.36
CA ILE B 47 -16.86 -15.54 -20.28
C ILE B 47 -16.68 -16.99 -20.70
N SER B 48 -15.46 -17.50 -20.54
CA SER B 48 -15.16 -18.86 -20.93
C SER B 48 -15.71 -19.84 -19.91
N GLY B 49 -15.55 -21.13 -20.20
CA GLY B 49 -16.12 -22.14 -19.35
C GLY B 49 -15.30 -22.45 -18.10
N LEU B 50 -13.98 -22.27 -18.18
CA LEU B 50 -13.09 -22.63 -17.10
C LEU B 50 -12.82 -21.49 -16.15
N ILE B 51 -13.56 -20.39 -16.29
CA ILE B 51 -13.35 -19.25 -15.43
C ILE B 51 -13.83 -19.54 -14.02
N TYR B 52 -14.82 -20.40 -13.88
CA TYR B 52 -15.63 -20.44 -12.67
C TYR B 52 -14.87 -21.03 -11.50
N GLU B 53 -14.21 -22.17 -11.72
CA GLU B 53 -13.48 -22.79 -10.62
C GLU B 53 -12.28 -21.96 -10.22
N GLU B 54 -11.64 -21.31 -11.18
CA GLU B 54 -10.51 -20.45 -10.86
C GLU B 54 -10.97 -19.23 -10.07
N THR B 55 -12.12 -18.69 -10.42
CA THR B 55 -12.63 -17.55 -9.67
C THR B 55 -13.08 -17.96 -8.29
N ARG B 56 -13.62 -19.17 -8.17
CA ARG B 56 -13.98 -19.67 -6.85
C ARG B 56 -12.74 -19.87 -5.99
N GLY B 57 -11.64 -20.33 -6.59
CA GLY B 57 -10.41 -20.47 -5.81
C GLY B 57 -9.82 -19.13 -5.42
N VAL B 58 -9.90 -18.15 -6.30
CA VAL B 58 -9.43 -16.82 -5.97
C VAL B 58 -10.24 -16.26 -4.82
N LEU B 59 -11.55 -16.42 -4.89
CA LEU B 59 -12.42 -16.00 -3.82
C LEU B 59 -12.11 -16.74 -2.54
N LYS B 60 -11.77 -18.02 -2.66
CA LYS B 60 -11.48 -18.82 -1.48
C LYS B 60 -10.24 -18.32 -0.77
N VAL B 61 -9.18 -18.05 -1.52
CA VAL B 61 -7.96 -17.61 -0.87
C VAL B 61 -8.10 -16.20 -0.35
N PHE B 62 -8.88 -15.36 -1.02
CA PHE B 62 -9.08 -14.01 -0.51
C PHE B 62 -9.88 -14.03 0.78
N LEU B 63 -10.95 -14.81 0.79
CA LEU B 63 -11.73 -14.96 2.00
C LEU B 63 -10.93 -15.61 3.10
N GLU B 64 -10.03 -16.52 2.76
CA GLU B 64 -9.25 -17.18 3.79
C GLU B 64 -8.30 -16.20 4.45
N ASN B 65 -7.67 -15.34 3.66
CA ASN B 65 -6.80 -14.32 4.25
C ASN B 65 -7.57 -13.36 5.13
N VAL B 66 -8.66 -12.82 4.61
CA VAL B 66 -9.34 -11.78 5.36
C VAL B 66 -10.07 -12.35 6.57
N ILE B 67 -10.54 -13.58 6.46
CA ILE B 67 -11.24 -14.20 7.58
C ILE B 67 -10.28 -14.60 8.66
N ARG B 68 -9.10 -15.08 8.28
CA ARG B 68 -8.10 -15.39 9.28
C ARG B 68 -7.67 -14.15 10.01
N ASP B 69 -7.57 -13.04 9.30
CA ASP B 69 -7.26 -11.78 9.96
C ASP B 69 -8.38 -11.37 10.89
N ALA B 70 -9.62 -11.56 10.47
CA ALA B 70 -10.73 -11.18 11.33
C ALA B 70 -10.83 -12.07 12.55
N VAL B 71 -10.51 -13.34 12.38
CA VAL B 71 -10.56 -14.27 13.49
C VAL B 71 -9.48 -13.96 14.51
N THR B 72 -8.30 -13.59 14.04
CA THR B 72 -7.26 -13.19 14.98
C THR B 72 -7.62 -11.89 15.68
N TYR B 73 -8.27 -10.99 14.96
CA TYR B 73 -8.75 -9.76 15.57
C TYR B 73 -9.75 -10.03 16.68
N THR B 74 -10.71 -10.91 16.43
CA THR B 74 -11.73 -11.15 17.43
C THR B 74 -11.26 -12.07 18.54
N GLU B 75 -10.24 -12.88 18.28
CA GLU B 75 -9.69 -13.74 19.33
C GLU B 75 -8.72 -13.00 20.21
N HIS B 76 -8.17 -11.90 19.74
CA HIS B 76 -7.38 -11.06 20.64
C HIS B 76 -8.25 -10.41 21.69
N ALA B 77 -9.49 -10.10 21.33
CA ALA B 77 -10.36 -9.32 22.21
C ALA B 77 -11.07 -10.19 23.25
N LYS B 78 -10.74 -11.47 23.32
CA LYS B 78 -11.47 -12.42 24.13
C LYS B 78 -12.95 -12.38 23.82
N ARG B 79 -13.27 -12.60 22.55
CA ARG B 79 -14.64 -12.59 22.08
C ARG B 79 -14.91 -13.87 21.34
N LYS B 80 -16.19 -14.13 21.09
CA LYS B 80 -16.64 -15.37 20.46
C LYS B 80 -17.38 -15.18 19.15
N THR B 81 -17.77 -13.96 18.83
CA THR B 81 -18.47 -13.66 17.60
C THR B 81 -17.65 -12.71 16.75
N VAL B 82 -18.01 -12.65 15.47
CA VAL B 82 -17.29 -11.86 14.49
C VAL B 82 -18.12 -10.64 14.15
N THR B 83 -17.64 -9.46 14.56
CA THR B 83 -18.35 -8.24 14.21
C THR B 83 -17.97 -7.83 12.80
N ALA B 84 -18.60 -6.76 12.33
CA ALA B 84 -18.24 -6.21 11.03
C ALA B 84 -17.05 -5.26 11.14
N MET B 85 -16.81 -4.70 12.32
CA MET B 85 -15.68 -3.81 12.52
C MET B 85 -14.36 -4.55 12.35
N ASP B 86 -14.32 -5.81 12.75
CA ASP B 86 -13.09 -6.57 12.58
C ASP B 86 -12.87 -6.96 11.14
N VAL B 87 -13.94 -7.19 10.38
CA VAL B 87 -13.78 -7.43 8.95
C VAL B 87 -13.27 -6.16 8.28
N VAL B 88 -13.73 -5.02 8.75
CA VAL B 88 -13.24 -3.76 8.21
C VAL B 88 -11.76 -3.57 8.50
N TYR B 89 -11.34 -3.92 9.71
CA TYR B 89 -9.92 -3.81 10.02
C TYR B 89 -9.09 -4.81 9.22
N ALA B 90 -9.64 -6.00 8.99
CA ALA B 90 -8.91 -6.99 8.20
C ALA B 90 -8.76 -6.56 6.76
N LEU B 91 -9.76 -5.89 6.21
CA LEU B 91 -9.63 -5.36 4.86
C LEU B 91 -8.77 -4.11 4.83
N LYS B 92 -8.66 -3.40 5.95
CA LYS B 92 -7.73 -2.28 6.01
C LYS B 92 -6.30 -2.76 6.02
N ARG B 93 -6.03 -3.89 6.66
CA ARG B 93 -4.68 -4.40 6.73
C ARG B 93 -4.21 -4.96 5.40
N GLN B 94 -5.13 -5.42 4.55
CA GLN B 94 -4.77 -5.82 3.21
C GLN B 94 -4.71 -4.65 2.25
N GLY B 95 -5.11 -3.46 2.67
CA GLY B 95 -5.07 -2.31 1.81
C GLY B 95 -6.30 -2.14 0.94
N ARG B 96 -7.42 -2.74 1.30
CA ARG B 96 -8.68 -2.56 0.58
C ARG B 96 -9.70 -2.04 1.57
N THR B 97 -9.70 -0.72 1.78
CA THR B 97 -10.51 -0.14 2.83
C THR B 97 -11.96 -0.13 2.42
N LEU B 98 -12.82 -0.48 3.37
CA LEU B 98 -14.26 -0.53 3.16
C LEU B 98 -14.90 0.67 3.83
N TYR B 99 -15.70 1.41 3.09
CA TYR B 99 -16.44 2.54 3.63
C TYR B 99 -17.87 2.11 3.89
N GLY B 100 -18.38 2.42 5.07
CA GLY B 100 -19.80 2.25 5.33
C GLY B 100 -20.20 1.51 6.58
N PHE B 101 -19.25 1.15 7.44
CA PHE B 101 -19.56 0.34 8.61
C PHE B 101 -18.96 0.88 9.89
N GLY B 102 -18.39 2.08 9.88
CA GLY B 102 -17.87 2.68 11.09
C GLY B 102 -16.39 2.98 11.00
N LYS C 35 25.16 -10.19 42.39
CA LYS C 35 25.56 -10.19 40.98
C LYS C 35 24.34 -10.14 40.08
N ALA C 36 24.37 -9.28 39.06
CA ALA C 36 23.23 -9.08 38.18
C ALA C 36 23.61 -9.29 36.72
N LYS C 37 22.66 -9.82 35.98
CA LYS C 37 22.83 -10.27 34.61
C LYS C 37 21.89 -9.48 33.69
N THR C 38 22.32 -9.25 32.46
CA THR C 38 21.60 -8.36 31.57
C THR C 38 20.29 -8.99 31.12
N ARG C 39 19.36 -8.14 30.68
CA ARG C 39 18.06 -8.61 30.23
C ARG C 39 18.11 -9.29 28.88
N SER C 40 19.11 -8.98 28.06
CA SER C 40 19.22 -9.65 26.76
C SER C 40 19.59 -11.11 26.92
N SER C 41 20.43 -11.42 27.91
CA SER C 41 20.79 -12.79 28.22
C SER C 41 19.94 -13.38 29.31
N ARG C 42 19.08 -12.59 29.95
CA ARG C 42 18.05 -13.19 30.78
C ARG C 42 17.13 -14.04 29.93
N ALA C 43 16.74 -13.52 28.77
CA ALA C 43 16.03 -14.30 27.77
C ALA C 43 16.96 -15.21 26.97
N GLY C 44 18.26 -15.07 27.15
CA GLY C 44 19.20 -15.84 26.37
C GLY C 44 19.25 -15.40 24.94
N LEU C 45 19.35 -14.10 24.70
CA LEU C 45 19.33 -13.54 23.37
C LEU C 45 20.52 -12.64 23.16
N GLN C 46 20.57 -12.03 21.98
CA GLN C 46 21.61 -11.10 21.60
C GLN C 46 21.12 -9.67 21.48
N PHE C 47 19.90 -9.49 20.99
CA PHE C 47 19.36 -8.15 20.83
C PHE C 47 19.07 -7.55 22.20
N PRO C 48 19.31 -6.25 22.38
CA PRO C 48 19.16 -5.64 23.70
C PRO C 48 17.69 -5.35 24.00
N VAL C 49 17.24 -5.87 25.14
CA VAL C 49 15.86 -5.66 25.55
C VAL C 49 15.63 -4.21 25.92
N GLY C 50 16.65 -3.57 26.50
CA GLY C 50 16.49 -2.18 26.92
C GLY C 50 16.32 -1.23 25.77
N ARG C 51 17.00 -1.48 24.65
CA ARG C 51 16.88 -0.56 23.53
C ARG C 51 15.53 -0.70 22.83
N VAL C 52 15.02 -1.91 22.72
CA VAL C 52 13.71 -2.08 22.10
C VAL C 52 12.62 -1.60 23.03
N HIS C 53 12.83 -1.72 24.33
CA HIS C 53 11.91 -1.12 25.30
C HIS C 53 11.88 0.39 25.15
N ARG C 54 13.06 1.00 24.97
CA ARG C 54 13.12 2.44 24.82
C ARG C 54 12.52 2.89 23.50
N LEU C 55 12.68 2.09 22.44
CA LEU C 55 12.09 2.46 21.16
C LEU C 55 10.59 2.26 21.15
N LEU C 56 10.09 1.29 21.91
CA LEU C 56 8.64 1.15 22.04
C LEU C 56 8.06 2.28 22.86
N ARG C 57 8.81 2.77 23.83
CA ARG C 57 8.34 3.89 24.62
C ARG C 57 8.31 5.15 23.77
N LYS C 58 9.46 5.50 23.22
CA LYS C 58 9.60 6.74 22.49
C LYS C 58 9.08 6.67 21.07
N GLY C 59 8.65 5.50 20.60
CA GLY C 59 8.02 5.42 19.31
C GLY C 59 6.60 5.91 19.29
N ASN C 60 6.04 6.16 20.48
CA ASN C 60 4.67 6.65 20.65
C ASN C 60 3.67 5.70 19.98
N TYR C 61 3.61 4.51 20.56
CA TYR C 61 2.68 3.48 20.12
C TYR C 61 1.57 3.28 21.13
N SER C 62 1.85 3.50 22.40
CA SER C 62 0.86 3.46 23.46
C SER C 62 1.36 4.32 24.59
N GLU C 63 0.57 4.43 25.65
CA GLU C 63 1.04 5.11 26.84
C GLU C 63 1.88 4.19 27.69
N ARG C 64 1.40 2.96 27.89
CA ARG C 64 2.12 1.95 28.64
C ARG C 64 2.55 0.83 27.71
N VAL C 65 3.54 0.07 28.14
CA VAL C 65 3.98 -1.10 27.41
C VAL C 65 4.37 -2.19 28.39
N GLY C 66 3.94 -3.43 28.09
CA GLY C 66 4.20 -4.52 28.99
C GLY C 66 5.65 -4.97 28.94
N ALA C 67 6.09 -5.58 30.03
CA ALA C 67 7.48 -6.01 30.12
C ALA C 67 7.78 -7.20 29.26
N GLY C 68 6.77 -8.01 28.91
CA GLY C 68 6.97 -9.09 27.99
C GLY C 68 7.04 -8.65 26.54
N ALA C 69 6.60 -7.43 26.26
CA ALA C 69 6.59 -6.95 24.89
C ALA C 69 7.99 -6.83 24.31
N PRO C 70 8.96 -6.23 24.98
CA PRO C 70 10.30 -6.14 24.39
C PRO C 70 11.01 -7.47 24.35
N VAL C 71 10.74 -8.37 25.29
CA VAL C 71 11.38 -9.68 25.24
C VAL C 71 10.86 -10.44 24.04
N TYR C 72 9.54 -10.42 23.82
CA TYR C 72 8.96 -11.01 22.63
C TYR C 72 9.44 -10.36 21.35
N LEU C 73 9.57 -9.05 21.35
CA LEU C 73 9.91 -8.41 20.10
C LEU C 73 11.37 -8.66 19.75
N ALA C 74 12.24 -8.65 20.74
CA ALA C 74 13.63 -9.01 20.51
C ALA C 74 13.77 -10.47 20.12
N ALA C 75 12.93 -11.34 20.66
CA ALA C 75 13.01 -12.74 20.28
C ALA C 75 12.65 -12.92 18.82
N VAL C 76 11.53 -12.34 18.40
CA VAL C 76 11.13 -12.53 17.01
C VAL C 76 12.07 -11.82 16.07
N LEU C 77 12.65 -10.71 16.51
CA LEU C 77 13.62 -10.01 15.68
C LEU C 77 14.88 -10.83 15.50
N GLU C 78 15.40 -11.37 16.60
CA GLU C 78 16.62 -12.16 16.54
C GLU C 78 16.41 -13.42 15.72
N TYR C 79 15.25 -14.05 15.85
CA TYR C 79 14.94 -15.20 15.03
C TYR C 79 14.83 -14.82 13.57
N LEU C 80 14.34 -13.62 13.32
CA LEU C 80 14.13 -13.20 11.94
C LEU C 80 15.46 -12.95 11.26
N THR C 81 16.34 -12.22 11.94
CA THR C 81 17.67 -12.01 11.39
C THR C 81 18.51 -13.27 11.39
N ALA C 82 18.18 -14.24 12.25
CA ALA C 82 18.82 -15.54 12.13
C ALA C 82 18.40 -16.24 10.84
N GLU C 83 17.12 -16.15 10.51
CA GLU C 83 16.64 -16.74 9.27
C GLU C 83 17.21 -16.05 8.06
N ILE C 84 17.44 -14.75 8.15
CA ILE C 84 18.08 -14.06 7.03
C ILE C 84 19.53 -14.47 6.90
N LEU C 85 20.27 -14.41 8.00
CA LEU C 85 21.71 -14.60 7.92
C LEU C 85 22.08 -16.04 7.65
N GLU C 86 21.25 -16.99 8.04
CA GLU C 86 21.56 -18.38 7.76
C GLU C 86 21.44 -18.66 6.27
N LEU C 87 20.38 -18.17 5.64
CA LEU C 87 20.24 -18.32 4.20
C LEU C 87 21.28 -17.51 3.46
N ALA C 88 21.68 -16.37 4.02
CA ALA C 88 22.71 -15.57 3.38
C ALA C 88 24.07 -16.26 3.44
N GLY C 89 24.40 -16.86 4.58
CA GLY C 89 25.64 -17.59 4.67
C GLY C 89 25.65 -18.83 3.80
N ASN C 90 24.52 -19.50 3.68
CA ASN C 90 24.45 -20.63 2.77
C ASN C 90 24.55 -20.19 1.32
N ALA C 91 24.04 -19.01 0.99
CA ALA C 91 24.19 -18.50 -0.37
C ALA C 91 25.63 -18.12 -0.67
N ALA C 92 26.29 -17.48 0.29
CA ALA C 92 27.65 -17.02 0.05
C ALA C 92 28.63 -18.17 0.04
N ARG C 93 28.37 -19.19 0.85
CA ARG C 93 29.17 -20.41 0.82
C ARG C 93 28.84 -21.24 -0.40
N ASP C 94 27.63 -21.08 -0.93
CA ASP C 94 27.26 -21.76 -2.16
C ASP C 94 27.93 -21.11 -3.36
N ASN C 95 28.28 -19.84 -3.23
CA ASN C 95 28.94 -19.09 -4.28
C ASN C 95 30.46 -19.15 -4.15
N LYS C 96 30.96 -19.91 -3.18
CA LYS C 96 32.39 -19.97 -2.85
C LYS C 96 32.94 -18.58 -2.57
N LYS C 97 32.18 -17.79 -1.84
CA LYS C 97 32.64 -16.52 -1.29
C LYS C 97 32.69 -16.64 0.23
N THR C 98 33.35 -15.67 0.85
CA THR C 98 33.48 -15.64 2.30
C THR C 98 32.89 -14.38 2.91
N ARG C 99 32.25 -13.53 2.12
CA ARG C 99 31.66 -12.30 2.61
C ARG C 99 30.19 -12.29 2.22
N ILE C 100 29.41 -11.57 2.98
CA ILE C 100 28.01 -11.34 2.67
C ILE C 100 27.90 -9.99 2.00
N ILE C 101 27.74 -10.01 0.68
CA ILE C 101 27.40 -8.80 -0.06
C ILE C 101 25.89 -8.81 -0.23
N PRO C 102 25.26 -7.66 -0.46
CA PRO C 102 23.81 -7.63 -0.59
C PRO C 102 23.24 -8.38 -1.77
N ARG C 103 24.07 -8.78 -2.73
CA ARG C 103 23.57 -9.70 -3.75
C ARG C 103 23.17 -11.01 -3.12
N HIS C 104 23.88 -11.43 -2.08
CA HIS C 104 23.51 -12.64 -1.36
C HIS C 104 22.23 -12.44 -0.58
N LEU C 105 22.02 -11.26 -0.02
CA LEU C 105 20.77 -11.00 0.68
C LEU C 105 19.58 -11.01 -0.25
N GLN C 106 19.73 -10.39 -1.42
CA GLN C 106 18.66 -10.40 -2.40
C GLN C 106 18.38 -11.81 -2.90
N LEU C 107 19.43 -12.59 -3.10
CA LEU C 107 19.25 -13.98 -3.49
C LEU C 107 18.52 -14.78 -2.41
N ALA C 108 18.92 -14.60 -1.16
CA ALA C 108 18.32 -15.37 -0.08
C ALA C 108 16.89 -14.96 0.17
N ILE C 109 16.54 -13.71 -0.11
CA ILE C 109 15.16 -13.27 0.12
C ILE C 109 14.27 -13.64 -1.04
N ARG C 110 14.74 -13.46 -2.27
CA ARG C 110 13.87 -13.72 -3.42
C ARG C 110 13.72 -15.20 -3.71
N ASN C 111 14.66 -16.03 -3.28
CA ASN C 111 14.53 -17.46 -3.51
C ASN C 111 13.55 -18.10 -2.53
N ASP C 112 13.35 -17.48 -1.38
CA ASP C 112 12.46 -18.03 -0.38
C ASP C 112 11.02 -17.79 -0.79
N GLU C 113 10.10 -18.48 -0.13
CA GLU C 113 8.67 -18.28 -0.38
C GLU C 113 8.06 -17.34 0.65
N GLU C 114 8.26 -17.63 1.92
CA GLU C 114 7.57 -16.88 2.97
C GLU C 114 8.38 -15.71 3.49
N LEU C 115 9.62 -15.54 3.04
CA LEU C 115 10.31 -14.28 3.21
C LEU C 115 10.10 -13.34 2.05
N ASN C 116 9.73 -13.89 0.89
CA ASN C 116 9.42 -13.04 -0.25
C ASN C 116 8.11 -12.31 -0.05
N LYS C 117 7.21 -12.90 0.72
CA LYS C 117 5.96 -12.24 1.05
C LYS C 117 6.16 -11.16 2.09
N LEU C 118 7.16 -11.29 2.93
CA LEU C 118 7.39 -10.27 3.93
C LEU C 118 8.07 -9.06 3.31
N LEU C 119 8.94 -9.32 2.35
CA LEU C 119 9.73 -8.29 1.71
C LEU C 119 9.46 -8.26 0.21
N GLY C 120 8.19 -8.28 -0.17
CA GLY C 120 7.85 -8.30 -1.58
C GLY C 120 7.92 -6.93 -2.21
N ARG C 121 7.53 -5.91 -1.47
CA ARG C 121 7.51 -4.55 -2.00
C ARG C 121 8.86 -3.89 -1.84
N VAL C 122 9.63 -4.32 -0.84
CA VAL C 122 10.92 -3.72 -0.55
C VAL C 122 11.94 -4.12 -1.60
N THR C 123 12.63 -3.13 -2.14
CA THR C 123 13.78 -3.38 -2.99
C THR C 123 15.05 -3.17 -2.18
N ILE C 124 16.14 -3.71 -2.71
CA ILE C 124 17.39 -3.85 -1.98
C ILE C 124 18.46 -3.06 -2.70
N ALA C 125 19.21 -2.27 -1.94
CA ALA C 125 20.24 -1.45 -2.55
C ALA C 125 21.37 -2.31 -3.08
N GLN C 126 21.76 -2.08 -4.33
CA GLN C 126 22.82 -2.82 -5.00
C GLN C 126 22.58 -4.33 -4.98
N GLY C 127 21.33 -4.74 -5.09
CA GLY C 127 21.01 -6.13 -4.87
C GLY C 127 20.90 -6.91 -6.17
N GLY C 128 20.48 -6.26 -7.22
CA GLY C 128 20.22 -6.98 -8.43
C GLY C 128 18.91 -7.74 -8.33
N VAL C 129 18.69 -8.61 -9.31
CA VAL C 129 17.48 -9.38 -9.39
C VAL C 129 17.80 -10.85 -9.23
N LEU C 130 16.75 -11.62 -8.98
CA LEU C 130 16.86 -13.06 -8.99
C LEU C 130 17.01 -13.53 -10.43
N PRO C 131 18.07 -14.23 -10.78
CA PRO C 131 18.28 -14.60 -12.17
C PRO C 131 17.33 -15.68 -12.65
N ASN C 132 16.35 -15.27 -13.43
CA ASN C 132 15.38 -16.19 -14.00
C ASN C 132 14.90 -15.64 -15.33
N ILE C 133 14.89 -16.50 -16.34
CA ILE C 133 14.52 -16.12 -17.69
C ILE C 133 13.31 -16.92 -18.10
N GLN C 134 12.37 -16.25 -18.75
CA GLN C 134 11.15 -16.92 -19.18
C GLN C 134 11.48 -17.98 -20.22
N ALA C 135 10.76 -19.09 -20.15
CA ALA C 135 11.14 -20.27 -20.93
C ALA C 135 10.83 -20.11 -22.40
N VAL C 136 9.96 -19.17 -22.77
CA VAL C 136 9.65 -18.97 -24.17
C VAL C 136 10.69 -18.09 -24.84
N LEU C 137 11.38 -17.24 -24.06
CA LEU C 137 12.47 -16.44 -24.62
C LEU C 137 13.67 -17.31 -24.96
N LEU C 138 13.90 -18.35 -24.19
CA LEU C 138 15.05 -19.20 -24.43
C LEU C 138 14.83 -19.98 -25.71
N PRO C 139 15.89 -20.24 -26.47
CA PRO C 139 15.71 -21.05 -27.67
C PRO C 139 15.46 -22.49 -27.28
N LYS C 140 15.05 -23.26 -28.27
CA LYS C 140 14.71 -24.65 -28.06
C LYS C 140 15.93 -25.56 -28.21
N LYS D 31 34.19 12.22 19.47
CA LYS D 31 33.46 13.38 19.98
C LYS D 31 32.36 13.82 19.02
N ARG D 32 32.31 13.15 17.86
CA ARG D 32 31.09 13.00 17.08
C ARG D 32 29.99 12.37 17.93
N SER D 33 28.73 12.75 17.67
CA SER D 33 27.64 12.05 18.32
C SER D 33 27.44 10.71 17.62
N ARG D 34 27.09 9.69 18.40
CA ARG D 34 27.11 8.32 17.92
C ARG D 34 25.78 7.86 17.34
N LYS D 35 25.88 7.16 16.22
CA LYS D 35 24.76 6.51 15.52
C LYS D 35 24.24 5.30 16.27
N GLU D 36 23.00 5.39 16.75
CA GLU D 36 22.37 4.28 17.43
C GLU D 36 21.82 3.31 16.40
N SER D 37 22.38 2.11 16.34
CA SER D 37 22.03 1.19 15.29
C SER D 37 22.18 -0.23 15.82
N TYR D 38 21.71 -1.19 15.04
CA TYR D 38 21.72 -2.59 15.45
C TYR D 38 22.87 -3.36 14.82
N SER D 39 24.03 -2.72 14.68
CA SER D 39 25.08 -3.30 13.86
C SER D 39 25.85 -4.39 14.59
N VAL D 40 26.00 -4.27 15.91
CA VAL D 40 26.79 -5.25 16.65
C VAL D 40 26.03 -6.56 16.80
N TYR D 41 24.74 -6.45 17.03
CA TYR D 41 23.95 -7.64 17.35
C TYR D 41 23.68 -8.50 16.14
N VAL D 42 23.60 -7.89 14.95
CA VAL D 42 23.54 -8.68 13.74
C VAL D 42 24.82 -9.49 13.56
N TYR D 43 25.95 -8.89 13.89
CA TYR D 43 27.20 -9.64 13.81
C TYR D 43 27.29 -10.73 14.87
N LYS D 44 26.73 -10.47 16.04
CA LYS D 44 26.72 -11.50 17.07
C LYS D 44 25.87 -12.68 16.65
N VAL D 45 24.71 -12.40 16.08
CA VAL D 45 23.87 -13.46 15.55
C VAL D 45 24.56 -14.21 14.42
N LEU D 46 25.29 -13.48 13.59
CA LEU D 46 25.96 -14.12 12.48
C LEU D 46 27.06 -15.04 12.95
N LYS D 47 27.82 -14.63 13.96
CA LYS D 47 28.83 -15.50 14.52
C LYS D 47 28.22 -16.64 15.32
N GLN D 48 27.00 -16.49 15.81
CA GLN D 48 26.32 -17.64 16.41
C GLN D 48 25.92 -18.64 15.34
N VAL D 49 25.53 -18.16 14.16
CA VAL D 49 24.93 -19.03 13.15
C VAL D 49 25.90 -19.37 12.03
N HIS D 50 26.93 -18.57 11.81
CA HIS D 50 27.85 -18.78 10.70
C HIS D 50 29.18 -18.20 11.10
N PRO D 51 30.08 -19.01 11.65
CA PRO D 51 31.33 -18.47 12.20
C PRO D 51 32.36 -18.13 11.15
N ASP D 52 32.32 -18.76 9.98
CA ASP D 52 33.40 -18.62 9.02
C ASP D 52 33.22 -17.43 8.08
N THR D 53 32.00 -17.14 7.68
CA THR D 53 31.76 -16.13 6.66
C THR D 53 31.67 -14.75 7.28
N GLY D 54 32.29 -13.78 6.63
CA GLY D 54 32.18 -12.39 7.05
C GLY D 54 31.03 -11.68 6.37
N ILE D 55 30.92 -10.40 6.69
CA ILE D 55 29.85 -9.55 6.19
C ILE D 55 30.43 -8.22 5.74
N SER D 56 29.75 -7.60 4.78
CA SER D 56 30.13 -6.27 4.33
C SER D 56 29.64 -5.24 5.33
N SER D 57 29.86 -3.97 5.00
CA SER D 57 29.29 -2.88 5.77
C SER D 57 27.94 -2.47 5.22
N LYS D 58 27.79 -2.45 3.90
CA LYS D 58 26.53 -2.04 3.30
C LYS D 58 25.45 -3.10 3.50
N ALA D 59 25.85 -4.36 3.59
CA ALA D 59 24.90 -5.39 3.96
C ALA D 59 24.51 -5.28 5.43
N MET D 60 25.43 -4.80 6.27
CA MET D 60 25.06 -4.53 7.65
C MET D 60 24.09 -3.38 7.75
N GLY D 61 24.24 -2.37 6.89
CA GLY D 61 23.26 -1.30 6.86
C GLY D 61 21.91 -1.78 6.37
N ILE D 62 21.92 -2.71 5.42
CA ILE D 62 20.67 -3.30 4.96
C ILE D 62 20.00 -4.06 6.07
N MET D 63 20.77 -4.81 6.85
CA MET D 63 20.18 -5.54 7.95
C MET D 63 19.64 -4.60 9.02
N ASN D 64 20.32 -3.46 9.23
CA ASN D 64 19.81 -2.48 10.16
C ASN D 64 18.48 -1.88 9.69
N SER D 65 18.40 -1.56 8.40
CA SER D 65 17.16 -1.03 7.86
C SER D 65 16.04 -2.07 7.89
N PHE D 66 16.39 -3.33 7.70
CA PHE D 66 15.39 -4.39 7.75
C PHE D 66 14.86 -4.56 9.17
N VAL D 67 15.76 -4.52 10.14
CA VAL D 67 15.35 -4.61 11.53
C VAL D 67 14.44 -3.46 11.91
N ASN D 68 14.76 -2.26 11.48
CA ASN D 68 13.91 -1.12 11.80
C ASN D 68 12.56 -1.20 11.08
N ASP D 69 12.56 -1.69 9.84
CA ASP D 69 11.30 -1.88 9.13
C ASP D 69 10.38 -2.88 9.83
N ILE D 70 10.93 -4.02 10.23
CA ILE D 70 10.10 -5.01 10.88
C ILE D 70 9.65 -4.54 12.25
N PHE D 71 10.50 -3.80 12.95
CA PHE D 71 10.09 -3.24 14.22
C PHE D 71 8.94 -2.26 14.05
N GLU D 72 9.00 -1.45 13.00
CA GLU D 72 7.92 -0.52 12.74
C GLU D 72 6.63 -1.23 12.39
N ARG D 73 6.71 -2.29 11.59
CA ARG D 73 5.51 -3.02 11.22
C ARG D 73 4.85 -3.64 12.45
N ILE D 74 5.63 -4.32 13.26
CA ILE D 74 5.08 -5.02 14.41
C ILE D 74 4.57 -4.05 15.45
N ALA D 75 5.28 -2.95 15.68
CA ALA D 75 4.81 -2.02 16.68
C ALA D 75 3.59 -1.25 16.21
N GLY D 76 3.48 -1.02 14.91
CA GLY D 76 2.28 -0.36 14.42
C GLY D 76 1.05 -1.22 14.52
N GLU D 77 1.17 -2.51 14.18
CA GLU D 77 0.04 -3.39 14.36
C GLU D 77 -0.32 -3.57 15.83
N ALA D 78 0.69 -3.60 16.71
CA ALA D 78 0.38 -3.73 18.13
C ALA D 78 -0.31 -2.49 18.66
N SER D 79 0.09 -1.32 18.17
CA SER D 79 -0.54 -0.07 18.61
C SER D 79 -1.99 0.00 18.14
N ARG D 80 -2.23 -0.32 16.88
CA ARG D 80 -3.60 -0.24 16.41
C ARG D 80 -4.47 -1.34 16.99
N LEU D 81 -3.89 -2.47 17.38
CA LEU D 81 -4.67 -3.49 18.06
C LEU D 81 -5.04 -3.06 19.47
N ALA D 82 -4.11 -2.43 20.18
CA ALA D 82 -4.45 -1.92 21.50
C ALA D 82 -5.48 -0.81 21.42
N HIS D 83 -5.51 -0.09 20.30
CA HIS D 83 -6.53 0.93 20.13
C HIS D 83 -7.88 0.33 19.75
N TYR D 84 -7.89 -0.72 18.93
CA TYR D 84 -9.17 -1.31 18.55
C TYR D 84 -9.85 -1.99 19.72
N ASN D 85 -9.09 -2.42 20.72
CA ASN D 85 -9.66 -3.01 21.91
C ASN D 85 -9.69 -2.05 23.08
N LYS D 86 -9.31 -0.80 22.84
CA LYS D 86 -9.27 0.22 23.89
C LYS D 86 -8.35 -0.19 25.03
N ARG D 87 -7.21 -0.78 24.68
CA ARG D 87 -6.19 -1.12 25.65
C ARG D 87 -5.10 -0.06 25.63
N SER D 88 -4.78 0.47 26.80
CA SER D 88 -3.75 1.47 26.93
C SER D 88 -2.36 0.86 27.14
N THR D 89 -2.28 -0.45 27.24
CA THR D 89 -1.03 -1.16 27.50
C THR D 89 -0.80 -2.20 26.42
N ILE D 90 0.36 -2.15 25.78
CA ILE D 90 0.78 -3.19 24.84
C ILE D 90 1.55 -4.25 25.61
N THR D 91 0.94 -5.42 25.78
CA THR D 91 1.60 -6.56 26.37
C THR D 91 2.02 -7.52 25.28
N SER D 92 2.49 -8.70 25.69
CA SER D 92 3.03 -9.67 24.74
C SER D 92 1.94 -10.30 23.90
N ARG D 93 0.70 -10.24 24.36
CA ARG D 93 -0.40 -10.80 23.58
C ARG D 93 -0.60 -10.05 22.29
N GLU D 94 -0.51 -8.73 22.36
CA GLU D 94 -0.68 -7.92 21.16
C GLU D 94 0.44 -8.17 20.18
N ILE D 95 1.65 -8.35 20.69
CA ILE D 95 2.78 -8.62 19.82
C ILE D 95 2.61 -9.99 19.18
N GLN D 96 2.10 -10.94 19.94
CA GLN D 96 1.90 -12.29 19.43
C GLN D 96 0.84 -12.30 18.35
N THR D 97 -0.22 -11.54 18.56
CA THR D 97 -1.27 -11.45 17.56
C THR D 97 -0.77 -10.75 16.30
N ALA D 98 0.06 -9.74 16.46
CA ALA D 98 0.60 -9.05 15.30
C ALA D 98 1.56 -9.92 14.55
N VAL D 99 2.33 -10.73 15.26
CA VAL D 99 3.20 -11.69 14.61
C VAL D 99 2.38 -12.69 13.81
N ARG D 100 1.29 -13.18 14.38
CA ARG D 100 0.42 -14.08 13.63
C ARG D 100 -0.25 -13.39 12.47
N LEU D 101 -0.37 -12.07 12.55
CA LEU D 101 -0.98 -11.32 11.46
C LEU D 101 -0.02 -11.15 10.29
N LEU D 102 1.19 -10.67 10.56
CA LEU D 102 2.07 -10.27 9.47
C LEU D 102 2.79 -11.46 8.88
N LEU D 103 3.48 -12.21 9.71
CA LEU D 103 4.39 -13.21 9.20
C LEU D 103 3.61 -14.41 8.69
N PRO D 104 3.75 -14.76 7.42
CA PRO D 104 2.95 -15.84 6.87
C PRO D 104 3.63 -17.20 6.99
N GLY D 105 2.80 -18.23 7.00
CA GLY D 105 3.31 -19.58 6.95
C GLY D 105 3.85 -20.04 8.29
N GLU D 106 4.85 -20.90 8.23
CA GLU D 106 5.43 -21.47 9.42
C GLU D 106 6.26 -20.48 10.19
N LEU D 107 6.63 -19.37 9.54
CA LEU D 107 7.36 -18.31 10.22
C LEU D 107 6.59 -17.81 11.42
N ALA D 108 5.27 -17.77 11.30
CA ALA D 108 4.43 -17.28 12.38
C ALA D 108 4.58 -18.15 13.62
N LYS D 109 4.35 -19.45 13.47
CA LYS D 109 4.38 -20.32 14.63
C LYS D 109 5.79 -20.55 15.13
N HIS D 110 6.79 -20.51 14.25
CA HIS D 110 8.16 -20.60 14.71
C HIS D 110 8.52 -19.39 15.56
N ALA D 111 8.11 -18.20 15.11
CA ALA D 111 8.39 -16.99 15.87
C ALA D 111 7.63 -16.97 17.18
N VAL D 112 6.41 -17.48 17.19
CA VAL D 112 5.65 -17.52 18.43
C VAL D 112 6.29 -18.48 19.41
N SER D 113 6.78 -19.60 18.92
CA SER D 113 7.47 -20.55 19.79
C SER D 113 8.74 -19.95 20.35
N GLU D 114 9.49 -19.24 19.53
CA GLU D 114 10.68 -18.55 20.01
C GLU D 114 10.32 -17.50 21.05
N GLY D 115 9.24 -16.78 20.83
CA GLY D 115 8.85 -15.74 21.75
C GLY D 115 8.42 -16.29 23.09
N THR D 116 7.58 -17.30 23.08
CA THR D 116 7.13 -17.89 24.32
C THR D 116 8.28 -18.57 25.05
N LYS D 117 9.23 -19.13 24.31
CA LYS D 117 10.44 -19.62 24.94
C LYS D 117 11.20 -18.49 25.62
N ALA D 118 11.20 -17.32 24.99
CA ALA D 118 11.91 -16.18 25.54
C ALA D 118 11.25 -15.66 26.80
N VAL D 119 9.92 -15.60 26.82
CA VAL D 119 9.28 -15.08 28.03
C VAL D 119 9.32 -16.10 29.14
N THR D 120 9.32 -17.38 28.80
CA THR D 120 9.47 -18.38 29.84
C THR D 120 10.87 -18.35 30.42
N LYS D 121 11.86 -18.08 29.57
CA LYS D 121 13.22 -17.87 30.06
C LYS D 121 13.30 -16.64 30.95
N TYR D 122 12.64 -15.55 30.56
CA TYR D 122 12.75 -14.30 31.28
C TYR D 122 11.97 -14.33 32.59
N THR D 123 10.92 -15.12 32.66
CA THR D 123 10.10 -15.20 33.87
C THR D 123 10.59 -16.28 34.81
N SER D 124 11.24 -17.30 34.28
CA SER D 124 11.79 -18.34 35.13
C SER D 124 12.96 -17.83 35.94
N ALA D 125 13.73 -16.91 35.38
CA ALA D 125 14.86 -16.33 36.07
C ALA D 125 14.39 -15.28 37.07
N PRO E 39 32.71 -13.50 -42.91
CA PRO E 39 32.34 -13.03 -41.58
C PRO E 39 31.36 -13.97 -40.89
N HIS E 40 31.37 -13.98 -39.56
CA HIS E 40 30.50 -14.84 -38.77
C HIS E 40 29.78 -13.99 -37.72
N ARG E 41 28.66 -13.40 -38.13
CA ARG E 41 27.85 -12.65 -37.19
C ARG E 41 26.95 -13.59 -36.41
N TYR E 42 26.71 -13.24 -35.15
CA TYR E 42 25.86 -14.06 -34.31
C TYR E 42 24.41 -13.98 -34.76
N ARG E 43 23.63 -14.96 -34.31
CA ARG E 43 22.21 -14.97 -34.59
C ARG E 43 21.52 -13.84 -33.81
N PRO E 44 20.43 -13.30 -34.33
CA PRO E 44 19.77 -12.20 -33.63
C PRO E 44 19.10 -12.66 -32.34
N GLY E 45 19.62 -12.20 -31.21
CA GLY E 45 19.11 -12.55 -29.90
C GLY E 45 20.05 -13.38 -29.06
N THR E 46 21.01 -14.05 -29.67
CA THR E 46 21.94 -14.85 -28.90
C THR E 46 22.85 -13.97 -28.07
N VAL E 47 23.35 -12.91 -28.67
CA VAL E 47 24.05 -11.89 -27.90
C VAL E 47 23.13 -11.26 -26.89
N ALA E 48 21.86 -11.09 -27.25
CA ALA E 48 20.90 -10.56 -26.30
C ALA E 48 20.72 -11.51 -25.13
N LEU E 49 20.74 -12.81 -25.39
CA LEU E 49 20.63 -13.77 -24.30
C LEU E 49 21.86 -13.76 -23.42
N ARG E 50 23.04 -13.66 -24.02
CA ARG E 50 24.26 -13.58 -23.22
C ARG E 50 24.28 -12.32 -22.38
N GLU E 51 23.77 -11.22 -22.92
CA GLU E 51 23.67 -10.01 -22.12
C GLU E 51 22.61 -10.13 -21.05
N ILE E 52 21.55 -10.89 -21.32
CA ILE E 52 20.55 -11.12 -20.30
C ILE E 52 21.16 -11.81 -19.11
N ARG E 53 21.88 -12.89 -19.37
CA ARG E 53 22.49 -13.64 -18.28
C ARG E 53 23.61 -12.87 -17.62
N ARG E 54 24.32 -12.05 -18.39
CA ARG E 54 25.41 -11.29 -17.80
C ARG E 54 24.89 -10.18 -16.89
N TYR E 55 23.90 -9.43 -17.37
CA TYR E 55 23.38 -8.33 -16.58
C TYR E 55 22.52 -8.79 -15.42
N GLN E 56 21.91 -9.98 -15.54
CA GLN E 56 21.19 -10.53 -14.41
C GLN E 56 22.13 -11.12 -13.38
N LYS E 57 23.25 -11.66 -13.83
CA LYS E 57 24.30 -12.10 -12.93
C LYS E 57 25.01 -10.91 -12.32
N SER E 58 24.95 -9.75 -12.96
CA SER E 58 25.57 -8.54 -12.47
C SER E 58 24.65 -7.77 -11.55
N THR E 59 25.26 -7.03 -10.62
CA THR E 59 24.53 -6.16 -9.70
C THR E 59 24.90 -4.71 -9.90
N GLU E 60 25.52 -4.38 -11.03
CA GLU E 60 26.04 -3.04 -11.25
C GLU E 60 24.92 -2.04 -11.53
N LEU E 61 25.26 -0.77 -11.40
CA LEU E 61 24.34 0.30 -11.76
C LEU E 61 24.44 0.57 -13.25
N LEU E 62 23.30 0.51 -13.94
CA LEU E 62 23.27 0.59 -15.39
C LEU E 62 23.01 2.01 -15.91
N ILE E 63 22.93 2.99 -15.03
CA ILE E 63 22.74 4.37 -15.41
C ILE E 63 23.96 5.17 -14.99
N ARG E 64 24.53 5.90 -15.93
CA ARG E 64 25.69 6.70 -15.60
C ARG E 64 25.31 7.82 -14.64
N LYS E 65 26.24 8.15 -13.76
CA LYS E 65 25.92 8.98 -12.60
C LYS E 65 25.74 10.45 -12.97
N LEU E 66 26.59 10.96 -13.87
CA LEU E 66 26.50 12.37 -14.24
C LEU E 66 25.21 12.73 -14.96
N PRO E 67 24.75 11.98 -15.96
CA PRO E 67 23.49 12.38 -16.61
C PRO E 67 22.28 12.24 -15.71
N PHE E 68 22.30 11.29 -14.80
CA PHE E 68 21.21 11.18 -13.83
C PHE E 68 21.25 12.35 -12.86
N GLN E 69 22.45 12.80 -12.49
CA GLN E 69 22.56 13.99 -11.66
C GLN E 69 22.00 15.20 -12.38
N ARG E 70 22.29 15.31 -13.67
CA ARG E 70 21.79 16.44 -14.44
C ARG E 70 20.28 16.41 -14.55
N LEU E 71 19.71 15.21 -14.74
CA LEU E 71 18.27 15.10 -14.85
C LEU E 71 17.58 15.42 -13.54
N VAL E 72 18.14 14.95 -12.44
CA VAL E 72 17.53 15.20 -11.14
C VAL E 72 17.60 16.69 -10.80
N ARG E 73 18.73 17.33 -11.06
CA ARG E 73 18.78 18.76 -10.74
C ARG E 73 18.10 19.63 -11.78
N GLU E 74 17.65 19.04 -12.89
CA GLU E 74 16.81 19.76 -13.84
C GLU E 74 15.34 19.67 -13.52
N ILE E 75 14.90 18.53 -13.03
CA ILE E 75 13.49 18.41 -12.69
C ILE E 75 13.20 19.14 -11.40
N ALA E 76 14.08 18.96 -10.40
CA ALA E 76 13.80 19.49 -9.08
C ALA E 76 13.86 21.01 -9.02
N GLN E 77 14.42 21.67 -10.03
CA GLN E 77 14.37 23.13 -10.05
C GLN E 77 12.95 23.63 -10.27
N ASP E 78 12.13 22.85 -10.97
CA ASP E 78 10.78 23.27 -11.28
C ASP E 78 9.90 23.34 -10.05
N PHE E 79 10.23 22.59 -9.01
CA PHE E 79 9.47 22.62 -7.78
C PHE E 79 10.05 23.63 -6.80
N LYS E 80 11.37 23.75 -6.78
CA LYS E 80 12.02 24.77 -5.97
C LYS E 80 13.41 25.00 -6.53
N THR E 81 13.85 26.25 -6.46
CA THR E 81 15.18 26.62 -6.93
C THR E 81 16.19 26.52 -5.78
N ASP E 82 17.45 26.48 -6.15
CA ASP E 82 18.58 26.31 -5.23
C ASP E 82 18.43 25.03 -4.41
N LEU E 83 18.45 23.90 -5.12
CA LEU E 83 18.27 22.61 -4.49
C LEU E 83 19.50 21.76 -4.82
N ARG E 84 20.53 21.90 -3.99
CA ARG E 84 21.63 20.97 -4.11
C ARG E 84 21.23 19.62 -3.56
N PHE E 85 21.91 18.58 -4.05
CA PHE E 85 21.62 17.22 -3.66
C PHE E 85 22.87 16.58 -3.08
N GLN E 86 22.68 15.75 -2.05
CA GLN E 86 23.76 14.90 -1.63
C GLN E 86 23.98 13.81 -2.68
N SER E 87 25.19 13.31 -2.75
CA SER E 87 25.49 12.28 -3.74
C SER E 87 24.80 10.97 -3.39
N SER E 88 24.64 10.69 -2.10
CA SER E 88 23.89 9.52 -1.68
C SER E 88 22.43 9.63 -2.07
N ALA E 89 21.88 10.83 -2.08
CA ALA E 89 20.48 10.99 -2.44
C ALA E 89 20.25 10.70 -3.91
N VAL E 90 21.14 11.18 -4.76
CA VAL E 90 20.97 10.91 -6.18
C VAL E 90 21.33 9.47 -6.49
N MET E 91 22.23 8.88 -5.71
CA MET E 91 22.49 7.46 -5.88
C MET E 91 21.26 6.64 -5.50
N ALA E 92 20.56 7.06 -4.45
CA ALA E 92 19.36 6.37 -4.04
C ALA E 92 18.27 6.52 -5.08
N LEU E 93 18.17 7.70 -5.66
CA LEU E 93 17.17 7.90 -6.71
C LEU E 93 17.48 7.05 -7.92
N GLN E 94 18.75 6.92 -8.26
CA GLN E 94 19.11 6.09 -9.39
C GLN E 94 18.85 4.62 -9.11
N GLU E 95 19.13 4.19 -7.88
CA GLU E 95 18.90 2.80 -7.52
C GLU E 95 17.42 2.47 -7.52
N ALA E 96 16.61 3.36 -6.97
CA ALA E 96 15.19 3.10 -6.92
C ALA E 96 14.54 3.20 -8.28
N SER E 97 15.02 4.08 -9.13
CA SER E 97 14.50 4.11 -10.49
C SER E 97 14.92 2.89 -11.29
N GLU E 98 16.12 2.38 -11.04
CA GLU E 98 16.51 1.12 -11.64
C GLU E 98 15.60 -0.01 -11.20
N ALA E 99 15.31 -0.08 -9.91
CA ALA E 99 14.44 -1.15 -9.41
C ALA E 99 13.04 -1.01 -9.95
N TYR E 100 12.51 0.20 -9.96
CA TYR E 100 11.17 0.42 -10.46
C TYR E 100 11.07 0.11 -11.95
N LEU E 101 12.11 0.40 -12.71
CA LEU E 101 12.05 0.11 -14.12
C LEU E 101 12.26 -1.36 -14.42
N VAL E 102 13.06 -2.07 -13.63
CA VAL E 102 13.19 -3.48 -13.93
C VAL E 102 11.95 -4.22 -13.48
N GLY E 103 11.27 -3.74 -12.44
CA GLY E 103 9.97 -4.31 -12.12
C GLY E 103 8.95 -4.02 -13.19
N LEU E 104 8.94 -2.80 -13.70
CA LEU E 104 8.05 -2.45 -14.78
C LEU E 104 8.35 -3.26 -16.02
N PHE E 105 9.61 -3.60 -16.24
CA PHE E 105 9.96 -4.30 -17.45
C PHE E 105 9.73 -5.79 -17.35
N GLU E 106 9.87 -6.38 -16.16
CA GLU E 106 9.47 -7.78 -16.05
C GLU E 106 7.97 -7.92 -16.15
N ASP E 107 7.23 -6.96 -15.61
CA ASP E 107 5.78 -6.98 -15.81
C ASP E 107 5.43 -6.77 -17.27
N THR E 108 6.19 -5.91 -17.94
CA THR E 108 5.97 -5.65 -19.35
C THR E 108 6.23 -6.88 -20.19
N ASN E 109 7.29 -7.61 -19.86
CA ASN E 109 7.59 -8.82 -20.61
C ASN E 109 6.60 -9.92 -20.32
N LEU E 110 6.06 -9.94 -19.10
CA LEU E 110 4.97 -10.83 -18.79
C LEU E 110 3.77 -10.55 -19.68
N ALA E 111 3.41 -9.28 -19.78
CA ALA E 111 2.27 -8.90 -20.59
C ALA E 111 2.51 -9.11 -22.08
N ALA E 112 3.76 -9.04 -22.52
CA ALA E 112 4.03 -9.22 -23.93
C ALA E 112 4.08 -10.69 -24.30
N ILE E 113 4.65 -11.50 -23.43
CA ILE E 113 4.63 -12.94 -23.61
C ILE E 113 3.20 -13.45 -23.57
N HIS E 114 2.37 -12.84 -22.72
CA HIS E 114 0.98 -13.26 -22.64
C HIS E 114 0.28 -13.04 -23.96
N ALA E 115 0.64 -11.99 -24.67
CA ALA E 115 0.02 -11.66 -25.95
C ALA E 115 0.71 -12.32 -27.13
N LYS E 116 1.50 -13.35 -26.88
CA LYS E 116 2.27 -14.03 -27.91
C LYS E 116 3.18 -13.05 -28.67
N ARG E 117 4.05 -12.41 -27.92
CA ARG E 117 5.00 -11.48 -28.49
C ARG E 117 6.30 -11.58 -27.72
N VAL E 118 7.41 -11.66 -28.46
CA VAL E 118 8.71 -11.66 -27.81
C VAL E 118 9.15 -10.25 -27.50
N THR E 119 8.72 -9.30 -28.32
CA THR E 119 9.18 -7.92 -28.23
C THR E 119 8.56 -7.22 -27.04
N ILE E 120 8.74 -5.91 -27.00
CA ILE E 120 8.04 -5.03 -26.10
C ILE E 120 7.51 -3.85 -26.91
N MET E 121 6.22 -3.62 -26.82
CA MET E 121 5.58 -2.47 -27.40
C MET E 121 5.08 -1.57 -26.28
N PRO E 122 4.85 -0.29 -26.55
CA PRO E 122 4.46 0.61 -25.45
C PRO E 122 3.07 0.34 -24.91
N LYS E 123 2.24 -0.36 -25.66
CA LYS E 123 0.95 -0.78 -25.14
C LYS E 123 1.11 -1.76 -23.99
N ASP E 124 2.18 -2.56 -24.02
CA ASP E 124 2.47 -3.42 -22.88
C ASP E 124 2.80 -2.62 -21.64
N ILE E 125 3.57 -1.54 -21.80
CA ILE E 125 3.89 -0.69 -20.66
C ILE E 125 2.64 0.00 -20.15
N GLN E 126 1.76 0.40 -21.08
CA GLN E 126 0.50 1.01 -20.67
C GLN E 126 -0.33 0.04 -19.85
N LEU E 127 -0.41 -1.20 -20.31
CA LEU E 127 -1.21 -2.19 -19.61
C LEU E 127 -0.61 -2.52 -18.25
N ALA E 128 0.71 -2.64 -18.17
CA ALA E 128 1.34 -2.96 -16.91
C ALA E 128 1.25 -1.83 -15.92
N ARG E 129 1.16 -0.59 -16.40
CA ARG E 129 0.96 0.50 -15.48
C ARG E 129 -0.49 0.63 -15.08
N ARG E 130 -1.40 0.23 -15.97
CA ARG E 130 -2.82 0.35 -15.67
C ARG E 130 -3.24 -0.70 -14.67
N ILE E 131 -2.83 -1.94 -14.90
CA ILE E 131 -3.21 -3.02 -14.02
C ILE E 131 -2.60 -2.86 -12.64
N ARG E 132 -1.40 -2.30 -12.57
CA ARG E 132 -0.82 -2.01 -11.27
C ARG E 132 -1.52 -0.86 -10.58
N GLY E 133 -2.36 -0.13 -11.28
CA GLY E 133 -3.10 0.94 -10.65
C GLY E 133 -2.23 2.15 -10.45
N GLU E 134 -1.56 2.59 -11.52
CA GLU E 134 -0.70 3.76 -11.46
C GLU E 134 -1.15 4.87 -12.40
N ARG E 135 -2.07 4.61 -13.30
CA ARG E 135 -2.57 5.64 -14.19
C ARG E 135 -3.71 6.40 -13.54
N LYS F 17 27.29 11.12 -37.71
CA LYS F 17 28.73 11.36 -37.73
C LYS F 17 29.12 12.41 -36.69
N ARG F 18 28.89 13.69 -37.02
CA ARG F 18 29.23 14.76 -36.11
C ARG F 18 28.35 14.73 -34.88
N HIS F 19 28.94 15.06 -33.73
CA HIS F 19 28.22 15.06 -32.47
C HIS F 19 27.15 16.14 -32.46
N ARG F 20 26.01 15.81 -31.86
CA ARG F 20 24.87 16.72 -31.76
C ARG F 20 24.59 17.03 -30.29
N LYS F 21 24.46 18.32 -29.98
CA LYS F 21 24.18 18.78 -28.63
C LYS F 21 22.84 19.48 -28.64
N VAL F 22 21.97 19.11 -27.69
CA VAL F 22 20.64 19.68 -27.56
C VAL F 22 20.52 20.39 -26.23
N LEU F 23 20.03 21.62 -26.27
CA LEU F 23 19.85 22.41 -25.06
C LEU F 23 18.82 21.73 -24.17
N ARG F 24 19.06 21.83 -22.87
CA ARG F 24 18.27 21.23 -21.79
C ARG F 24 17.84 19.81 -22.13
N ASP F 25 16.56 19.48 -22.09
CA ASP F 25 16.02 18.15 -22.39
C ASP F 25 16.75 17.09 -21.57
N ASN F 26 16.82 17.34 -20.27
CA ASN F 26 17.55 16.45 -19.38
C ASN F 26 17.02 15.02 -19.39
N ILE F 27 15.73 14.82 -19.66
CA ILE F 27 15.22 13.46 -19.70
C ILE F 27 16.00 12.69 -20.74
N GLN F 28 16.40 13.37 -21.81
CA GLN F 28 17.16 12.73 -22.87
C GLN F 28 18.49 12.19 -22.37
N GLY F 29 19.00 12.68 -21.25
CA GLY F 29 20.28 12.21 -20.77
C GLY F 29 20.29 10.71 -20.56
N ILE F 30 19.23 10.18 -19.96
CA ILE F 30 19.04 8.75 -19.83
C ILE F 30 19.13 8.12 -21.23
N THR F 31 20.30 7.60 -21.56
CA THR F 31 20.56 7.23 -22.94
C THR F 31 19.82 5.96 -23.32
N LYS F 32 19.92 5.62 -24.59
CA LYS F 32 19.27 4.46 -25.15
C LYS F 32 19.95 3.14 -24.81
N PRO F 33 21.27 3.07 -24.77
CA PRO F 33 21.91 1.85 -24.24
C PRO F 33 21.69 1.68 -22.75
N ALA F 34 21.57 2.78 -22.00
CA ALA F 34 21.38 2.66 -20.57
C ALA F 34 19.94 2.31 -20.23
N ILE F 35 19.12 2.11 -21.25
CA ILE F 35 17.78 1.61 -21.09
C ILE F 35 17.66 0.18 -21.60
N ARG F 36 18.42 -0.13 -22.65
CA ARG F 36 18.52 -1.51 -23.10
C ARG F 36 19.15 -2.37 -22.02
N ARG F 37 20.08 -1.81 -21.26
CA ARG F 37 20.63 -2.55 -20.14
C ARG F 37 19.62 -2.75 -19.03
N LEU F 38 18.79 -1.74 -18.77
CA LEU F 38 17.76 -1.89 -17.74
C LEU F 38 16.74 -2.95 -18.12
N ALA F 39 16.45 -3.06 -19.40
CA ALA F 39 15.51 -4.10 -19.82
C ALA F 39 16.16 -5.46 -19.95
N ARG F 40 17.45 -5.51 -20.23
CA ARG F 40 18.14 -6.79 -20.23
C ARG F 40 18.26 -7.33 -18.83
N ARG F 41 18.34 -6.45 -17.83
CA ARG F 41 18.28 -6.91 -16.45
C ARG F 41 16.90 -7.47 -16.14
N GLY F 42 15.87 -6.88 -16.69
CA GLY F 42 14.53 -7.38 -16.51
C GLY F 42 14.21 -8.63 -17.26
N GLY F 43 15.12 -9.10 -18.09
CA GLY F 43 14.90 -10.32 -18.82
C GLY F 43 14.08 -10.10 -20.07
N VAL F 44 14.53 -9.20 -20.92
CA VAL F 44 13.82 -8.83 -22.14
C VAL F 44 14.67 -9.19 -23.34
N LYS F 45 14.11 -9.97 -24.25
CA LYS F 45 14.85 -10.42 -25.42
C LYS F 45 14.83 -9.42 -26.57
N ARG F 46 13.78 -8.64 -26.73
CA ARG F 46 13.69 -7.67 -27.81
C ARG F 46 12.97 -6.41 -27.36
N ILE F 47 13.53 -5.27 -27.75
CA ILE F 47 12.94 -3.98 -27.46
C ILE F 47 12.70 -3.23 -28.76
N SER F 48 11.47 -2.77 -28.96
CA SER F 48 11.19 -1.99 -30.14
C SER F 48 11.70 -0.57 -29.94
N GLY F 49 11.74 0.19 -31.03
CA GLY F 49 12.31 1.51 -30.98
C GLY F 49 11.43 2.55 -30.30
N LEU F 50 10.14 2.27 -30.16
CA LEU F 50 9.22 3.21 -29.54
C LEU F 50 9.15 3.08 -28.03
N ILE F 51 10.11 2.39 -27.42
CA ILE F 51 10.03 2.14 -26.00
C ILE F 51 10.78 3.19 -25.21
N TYR F 52 11.79 3.79 -25.81
CA TYR F 52 12.73 4.60 -25.06
C TYR F 52 12.09 5.91 -24.60
N GLU F 53 11.31 6.53 -25.46
CA GLU F 53 10.66 7.77 -25.08
C GLU F 53 9.58 7.56 -24.04
N GLU F 54 8.84 6.46 -24.16
CA GLU F 54 7.81 6.14 -23.18
C GLU F 54 8.43 5.83 -21.82
N THR F 55 9.55 5.11 -21.84
CA THR F 55 10.24 4.82 -20.61
C THR F 55 10.84 6.08 -20.00
N ARG F 56 11.27 7.01 -20.86
CA ARG F 56 11.73 8.29 -20.38
C ARG F 56 10.63 9.06 -19.68
N GLY F 57 9.44 9.06 -20.26
CA GLY F 57 8.33 9.74 -19.61
C GLY F 57 7.93 9.09 -18.30
N VAL F 58 8.00 7.77 -18.26
CA VAL F 58 7.66 7.04 -17.04
C VAL F 58 8.64 7.38 -15.94
N LEU F 59 9.92 7.35 -16.26
CA LEU F 59 10.94 7.71 -15.29
C LEU F 59 10.80 9.17 -14.87
N LYS F 60 10.39 10.02 -15.80
CA LYS F 60 10.24 11.43 -15.50
C LYS F 60 9.15 11.65 -14.49
N VAL F 61 8.00 11.01 -14.69
CA VAL F 61 6.91 11.23 -13.76
C VAL F 61 7.16 10.55 -12.43
N PHE F 62 7.88 9.44 -12.44
CA PHE F 62 8.25 8.80 -11.18
C PHE F 62 9.15 9.70 -10.36
N LEU F 63 10.17 10.26 -11.01
CA LEU F 63 11.04 11.17 -10.30
C LEU F 63 10.32 12.44 -9.91
N GLU F 64 9.34 12.85 -10.69
CA GLU F 64 8.56 14.02 -10.31
C GLU F 64 7.83 13.78 -9.00
N ASN F 65 7.22 12.62 -8.88
CA ASN F 65 6.52 12.28 -7.65
C ASN F 65 7.47 12.24 -6.46
N VAL F 66 8.53 11.46 -6.59
CA VAL F 66 9.42 11.24 -5.46
C VAL F 66 10.14 12.52 -5.07
N ILE F 67 10.51 13.31 -6.07
CA ILE F 67 11.22 14.55 -5.82
C ILE F 67 10.30 15.56 -5.17
N ARG F 68 9.04 15.61 -5.59
CA ARG F 68 8.14 16.55 -4.97
C ARG F 68 7.92 16.21 -3.51
N ASP F 69 7.82 14.92 -3.21
CA ASP F 69 7.66 14.53 -1.82
C ASP F 69 8.90 14.84 -1.00
N ALA F 70 10.08 14.56 -1.55
CA ALA F 70 11.30 14.85 -0.81
C ALA F 70 11.54 16.34 -0.65
N VAL F 71 11.11 17.13 -1.63
CA VAL F 71 11.22 18.57 -1.52
C VAL F 71 10.32 19.10 -0.43
N THR F 72 9.11 18.56 -0.33
CA THR F 72 8.25 18.97 0.76
C THR F 72 8.81 18.55 2.10
N TYR F 73 9.47 17.41 2.14
CA TYR F 73 10.13 16.97 3.36
C TYR F 73 11.21 17.95 3.79
N THR F 74 12.15 18.23 2.89
CA THR F 74 13.27 19.08 3.24
C THR F 74 12.88 20.54 3.36
N GLU F 75 11.72 20.91 2.81
CA GLU F 75 11.22 22.26 2.96
C GLU F 75 10.53 22.42 4.30
N HIS F 76 9.89 21.35 4.78
CA HIS F 76 9.33 21.41 6.12
C HIS F 76 10.40 21.57 7.18
N ALA F 77 11.59 21.03 6.93
CA ALA F 77 12.69 21.18 7.85
C ALA F 77 13.57 22.38 7.53
N LYS F 78 13.19 23.17 6.53
CA LYS F 78 13.91 24.37 6.15
C LYS F 78 15.36 24.07 5.76
N ARG F 79 15.57 22.97 5.07
CA ARG F 79 16.90 22.58 4.61
C ARG F 79 16.97 22.77 3.10
N LYS F 80 18.03 23.43 2.64
CA LYS F 80 18.16 23.72 1.22
C LYS F 80 18.63 22.54 0.41
N THR F 81 19.18 21.53 1.05
CA THR F 81 19.65 20.35 0.35
C THR F 81 18.69 19.19 0.54
N VAL F 82 18.86 18.17 -0.29
CA VAL F 82 18.04 16.98 -0.27
C VAL F 82 18.90 15.84 0.23
N THR F 83 18.67 15.42 1.48
CA THR F 83 19.45 14.32 2.00
C THR F 83 18.89 13.00 1.46
N ALA F 84 19.52 11.91 1.88
CA ALA F 84 19.10 10.60 1.43
C ALA F 84 17.87 10.11 2.18
N MET F 85 17.78 10.44 3.47
CA MET F 85 16.67 9.99 4.28
C MET F 85 15.35 10.54 3.76
N ASP F 86 15.38 11.74 3.19
CA ASP F 86 14.17 12.29 2.61
C ASP F 86 13.72 11.48 1.41
N VAL F 87 14.66 10.96 0.63
CA VAL F 87 14.27 10.14 -0.50
C VAL F 87 13.77 8.79 -0.02
N VAL F 88 14.35 8.28 1.06
CA VAL F 88 13.84 7.05 1.65
C VAL F 88 12.40 7.24 2.11
N TYR F 89 12.13 8.34 2.78
CA TYR F 89 10.78 8.56 3.29
C TYR F 89 9.81 8.85 2.17
N ALA F 90 10.27 9.46 1.09
CA ALA F 90 9.39 9.71 -0.04
C ALA F 90 9.06 8.43 -0.79
N LEU F 91 9.98 7.48 -0.81
CA LEU F 91 9.72 6.23 -1.48
C LEU F 91 8.95 5.27 -0.61
N LYS F 92 9.01 5.45 0.70
CA LYS F 92 8.28 4.58 1.60
C LYS F 92 6.79 4.75 1.42
N ARG F 93 6.36 5.99 1.21
CA ARG F 93 4.93 6.30 1.13
C ARG F 93 4.28 5.81 -0.15
N GLN F 94 5.07 5.50 -1.17
CA GLN F 94 4.50 4.95 -2.39
C GLN F 94 4.57 3.44 -2.42
N GLY F 95 4.96 2.82 -1.31
CA GLY F 95 5.00 1.37 -1.24
C GLY F 95 6.28 0.74 -1.71
N ARG F 96 7.34 1.52 -1.90
CA ARG F 96 8.63 0.99 -2.35
C ARG F 96 9.71 1.45 -1.39
N THR F 97 9.92 0.69 -0.33
CA THR F 97 10.88 1.08 0.69
C THR F 97 12.29 0.71 0.24
N LEU F 98 13.21 1.64 0.40
CA LEU F 98 14.63 1.39 0.15
C LEU F 98 15.30 0.81 1.39
N TYR F 99 15.97 -0.31 1.20
CA TYR F 99 16.91 -0.79 2.20
C TYR F 99 18.29 -0.21 1.93
N GLY F 100 19.05 -0.02 3.01
CA GLY F 100 20.48 0.24 2.92
C GLY F 100 20.92 1.67 3.16
N PHE F 101 20.05 2.65 2.96
CA PHE F 101 20.46 4.04 3.09
C PHE F 101 20.09 4.63 4.44
N GLY F 102 19.91 3.80 5.44
CA GLY F 102 19.66 4.29 6.78
C GLY F 102 18.19 4.47 7.07
N GLY F 103 17.83 4.26 8.34
CA GLY F 103 16.46 4.39 8.79
C GLY F 103 16.29 5.58 9.71
N LYS G 35 -19.85 37.18 27.36
CA LYS G 35 -20.42 36.25 26.39
C LYS G 35 -19.32 35.53 25.62
N ALA G 36 -19.46 34.20 25.48
CA ALA G 36 -18.44 33.40 24.82
C ALA G 36 -19.03 32.58 23.68
N LYS G 37 -18.20 32.41 22.66
CA LYS G 37 -18.57 31.82 21.38
C LYS G 37 -17.72 30.57 21.14
N THR G 38 -18.31 29.60 20.45
CA THR G 38 -17.67 28.30 20.32
C THR G 38 -16.46 28.38 19.40
N ARG G 39 -15.57 27.40 19.54
CA ARG G 39 -14.36 27.38 18.73
C ARG G 39 -14.62 26.96 17.30
N SER G 40 -15.71 26.23 17.04
CA SER G 40 -16.02 25.84 15.67
C SER G 40 -16.44 27.05 14.84
N SER G 41 -17.14 27.99 15.46
CA SER G 41 -17.52 29.23 14.80
C SER G 41 -16.56 30.37 15.07
N ARG G 42 -15.59 30.17 15.96
CA ARG G 42 -14.48 31.11 16.01
C ARG G 42 -13.73 31.10 14.70
N ALA G 43 -13.48 29.91 14.16
CA ALA G 43 -12.95 29.76 12.82
C ALA G 43 -14.02 29.95 11.76
N GLY G 44 -15.27 30.03 12.15
CA GLY G 44 -16.34 30.12 11.18
C GLY G 44 -16.57 28.83 10.44
N LEU G 45 -16.64 27.72 11.18
CA LEU G 45 -16.76 26.41 10.58
C LEU G 45 -17.93 25.66 11.20
N GLN G 46 -18.11 24.43 10.76
CA GLN G 46 -19.14 23.54 11.26
C GLN G 46 -18.60 22.39 12.08
N PHE G 47 -17.46 21.85 11.69
CA PHE G 47 -16.87 20.74 12.41
C PHE G 47 -16.38 21.20 13.78
N PRO G 48 -16.53 20.39 14.82
CA PRO G 48 -16.17 20.82 16.16
C PRO G 48 -14.67 20.75 16.38
N VAL G 49 -14.10 21.88 16.79
CA VAL G 49 -12.67 21.92 17.06
C VAL G 49 -12.32 21.09 18.28
N GLY G 50 -13.21 21.07 19.27
CA GLY G 50 -12.94 20.34 20.49
C GLY G 50 -12.88 18.83 20.29
N ARG G 51 -13.70 18.31 19.39
CA ARG G 51 -13.69 16.86 19.19
C ARG G 51 -12.46 16.42 18.42
N VAL G 52 -12.03 17.21 17.45
CA VAL G 52 -10.83 16.84 16.71
C VAL G 52 -9.59 17.05 17.57
N HIS G 53 -9.63 18.03 18.46
CA HIS G 53 -8.57 18.19 19.44
C HIS G 53 -8.49 16.98 20.35
N ARG G 54 -9.65 16.49 20.80
CA ARG G 54 -9.67 15.34 21.67
C ARG G 54 -9.22 14.08 20.95
N LEU G 55 -9.55 13.95 19.66
CA LEU G 55 -9.13 12.78 18.91
C LEU G 55 -7.65 12.83 18.57
N LEU G 56 -7.09 14.03 18.40
CA LEU G 56 -5.65 14.13 18.20
C LEU G 56 -4.92 13.84 19.49
N ARG G 57 -5.50 14.18 20.63
CA ARG G 57 -4.87 13.87 21.89
C ARG G 57 -4.91 12.37 22.12
N LYS G 58 -6.10 11.80 22.12
CA LYS G 58 -6.28 10.40 22.45
C LYS G 58 -5.95 9.46 21.30
N GLY G 59 -5.65 9.98 20.12
CA GLY G 59 -5.20 9.11 19.05
C GLY G 59 -3.77 8.67 19.18
N ASN G 60 -3.05 9.26 20.13
CA ASN G 60 -1.65 8.94 20.42
C ASN G 60 -0.80 9.14 19.16
N TYR G 61 -0.72 10.40 18.76
CA TYR G 61 0.09 10.80 17.63
C TYR G 61 1.32 11.57 18.07
N SER G 62 1.23 12.28 19.18
CA SER G 62 2.35 12.98 19.77
C SER G 62 2.04 13.13 21.26
N GLU G 63 2.98 13.73 21.98
CA GLU G 63 2.70 14.06 23.37
C GLU G 63 1.94 15.38 23.47
N ARG G 64 2.37 16.38 22.71
CA ARG G 64 1.72 17.67 22.67
C ARG G 64 1.10 17.88 21.29
N VAL G 65 0.15 18.79 21.21
CA VAL G 65 -0.44 19.17 19.94
C VAL G 65 -0.74 20.66 19.96
N GLY G 66 -0.41 21.34 18.86
CA GLY G 66 -0.60 22.76 18.80
C GLY G 66 -2.06 23.14 18.65
N ALA G 67 -2.39 24.35 19.08
CA ALA G 67 -3.77 24.80 19.03
C ALA G 67 -4.25 25.11 17.63
N GLY G 68 -3.32 25.41 16.72
CA GLY G 68 -3.71 25.58 15.33
C GLY G 68 -3.94 24.28 14.59
N ALA G 69 -3.49 23.18 15.17
CA ALA G 69 -3.64 21.90 14.50
C ALA G 69 -5.10 21.50 14.35
N PRO G 70 -5.94 21.56 15.37
CA PRO G 70 -7.34 21.17 15.17
C PRO G 70 -8.10 22.15 14.32
N VAL G 71 -7.76 23.44 14.37
CA VAL G 71 -8.46 24.40 13.52
C VAL G 71 -8.14 24.11 12.06
N TYR G 72 -6.87 23.88 11.76
CA TYR G 72 -6.48 23.47 10.42
C TYR G 72 -7.09 22.16 10.00
N LEU G 73 -7.16 21.21 10.90
CA LEU G 73 -7.64 19.90 10.48
C LEU G 73 -9.14 19.93 10.25
N ALA G 74 -9.86 20.64 11.08
CA ALA G 74 -11.29 20.83 10.86
C ALA G 74 -11.55 21.64 9.61
N ALA G 75 -10.69 22.60 9.28
CA ALA G 75 -10.89 23.37 8.06
C ALA G 75 -10.73 22.50 6.84
N VAL G 76 -9.67 21.72 6.79
CA VAL G 76 -9.45 20.89 5.61
C VAL G 76 -10.48 19.79 5.53
N LEU G 77 -10.94 19.31 6.68
CA LEU G 77 -11.97 18.28 6.68
C LEU G 77 -13.29 18.84 6.16
N GLU G 78 -13.68 20.01 6.66
CA GLU G 78 -14.93 20.61 6.24
C GLU G 78 -14.89 20.98 4.76
N TYR G 79 -13.75 21.45 4.28
CA TYR G 79 -13.62 21.72 2.86
C TYR G 79 -13.69 20.44 2.05
N LEU G 80 -13.18 19.36 2.62
CA LEU G 80 -13.13 18.11 1.88
C LEU G 80 -14.53 17.54 1.74
N THR G 81 -15.28 17.52 2.84
CA THR G 81 -16.64 17.07 2.75
C THR G 81 -17.54 18.04 2.00
N ALA G 82 -17.15 19.31 1.92
CA ALA G 82 -17.85 20.21 1.04
C ALA G 82 -17.65 19.84 -0.42
N GLU G 83 -16.42 19.47 -0.77
CA GLU G 83 -16.14 19.04 -2.12
C GLU G 83 -16.84 17.74 -2.46
N ILE G 84 -16.99 16.86 -1.48
CA ILE G 84 -17.73 15.63 -1.74
C ILE G 84 -19.21 15.92 -1.92
N LEU G 85 -19.80 16.67 -0.99
CA LEU G 85 -21.23 16.84 -0.99
C LEU G 85 -21.72 17.74 -2.11
N GLU G 86 -20.87 18.65 -2.57
CA GLU G 86 -21.28 19.48 -3.69
C GLU G 86 -21.39 18.68 -4.97
N LEU G 87 -20.39 17.83 -5.23
CA LEU G 87 -20.47 16.97 -6.39
C LEU G 87 -21.55 15.92 -6.23
N ALA G 88 -21.82 15.49 -5.01
CA ALA G 88 -22.89 14.53 -4.79
C ALA G 88 -24.25 15.14 -5.05
N GLY G 89 -24.45 16.38 -4.60
CA GLY G 89 -25.71 17.05 -4.85
C GLY G 89 -25.90 17.36 -6.32
N ASN G 90 -24.82 17.71 -7.01
CA ASN G 90 -24.93 17.92 -8.44
C ASN G 90 -25.19 16.62 -9.19
N ALA G 91 -24.68 15.50 -8.68
CA ALA G 91 -24.99 14.21 -9.30
C ALA G 91 -26.43 13.81 -9.07
N ALA G 92 -26.93 14.02 -7.86
CA ALA G 92 -28.29 13.60 -7.54
C ALA G 92 -29.31 14.50 -8.21
N ARG G 93 -28.99 15.78 -8.35
CA ARG G 93 -29.85 16.69 -9.08
C ARG G 93 -29.72 16.45 -10.58
N ASP G 94 -28.58 15.92 -11.01
CA ASP G 94 -28.42 15.56 -12.42
C ASP G 94 -29.21 14.31 -12.74
N ASN G 95 -29.49 13.47 -11.74
CA ASN G 95 -30.24 12.26 -11.92
C ASN G 95 -31.73 12.47 -11.66
N LYS G 96 -32.13 13.72 -11.41
CA LYS G 96 -33.50 14.06 -11.03
C LYS G 96 -33.95 13.27 -9.80
N LYS G 97 -33.06 13.15 -8.84
CA LYS G 97 -33.38 12.62 -7.52
C LYS G 97 -33.23 13.73 -6.49
N THR G 98 -33.75 13.47 -5.30
CA THR G 98 -33.68 14.45 -4.22
C THR G 98 -32.96 13.91 -2.99
N ARG G 99 -32.40 12.71 -3.07
CA ARG G 99 -31.69 12.11 -1.97
C ARG G 99 -30.29 11.75 -2.43
N ILE G 100 -29.37 11.70 -1.49
CA ILE G 100 -28.01 11.24 -1.75
C ILE G 100 -27.93 9.79 -1.33
N ILE G 101 -27.95 8.90 -2.31
CA ILE G 101 -27.65 7.50 -2.08
C ILE G 101 -26.19 7.30 -2.41
N PRO G 102 -25.54 6.27 -1.86
CA PRO G 102 -24.11 6.08 -2.12
C PRO G 102 -23.75 5.79 -3.57
N ARG G 103 -24.72 5.47 -4.42
CA ARG G 103 -24.41 5.44 -5.85
C ARG G 103 -23.98 6.80 -6.34
N HIS G 104 -24.58 7.85 -5.79
CA HIS G 104 -24.17 9.20 -6.13
C HIS G 104 -22.79 9.53 -5.60
N LEU G 105 -22.43 9.01 -4.42
CA LEU G 105 -21.10 9.24 -3.89
C LEU G 105 -20.05 8.54 -4.73
N GLN G 106 -20.32 7.30 -5.13
CA GLN G 106 -19.40 6.58 -6.00
C GLN G 106 -19.25 7.26 -7.34
N LEU G 107 -20.36 7.76 -7.89
CA LEU G 107 -20.29 8.51 -9.13
C LEU G 107 -19.47 9.78 -8.99
N ALA G 108 -19.69 10.52 -7.91
CA ALA G 108 -18.99 11.78 -7.73
C ALA G 108 -17.51 11.58 -7.46
N ILE G 109 -17.15 10.44 -6.87
CA ILE G 109 -15.74 10.22 -6.58
C ILE G 109 -15.02 9.64 -7.79
N ARG G 110 -15.63 8.70 -8.49
CA ARG G 110 -14.95 8.06 -9.60
C ARG G 110 -14.91 8.94 -10.84
N ASN G 111 -15.83 9.90 -10.97
CA ASN G 111 -15.79 10.79 -12.13
C ASN G 111 -14.73 11.85 -11.98
N ASP G 112 -14.33 12.17 -10.76
CA ASP G 112 -13.35 13.20 -10.52
C ASP G 112 -11.96 12.67 -10.84
N GLU G 113 -11.00 13.57 -10.96
CA GLU G 113 -9.62 13.17 -11.17
C GLU G 113 -8.83 13.15 -9.89
N GLU G 114 -8.87 14.24 -9.13
CA GLU G 114 -8.01 14.36 -7.96
C GLU G 114 -8.69 13.90 -6.68
N LEU G 115 -9.96 13.54 -6.73
CA LEU G 115 -10.57 12.78 -5.66
C LEU G 115 -10.47 11.28 -5.89
N ASN G 116 -10.28 10.88 -7.14
CA ASN G 116 -10.09 9.47 -7.43
C ASN G 116 -8.73 8.99 -6.96
N LYS G 117 -7.77 9.89 -6.93
CA LYS G 117 -6.46 9.56 -6.40
C LYS G 117 -6.45 9.49 -4.90
N LEU G 118 -7.34 10.22 -4.25
CA LEU G 118 -7.38 10.15 -2.79
C LEU G 118 -8.08 8.89 -2.34
N LEU G 119 -9.09 8.47 -3.10
CA LEU G 119 -9.90 7.33 -2.75
C LEU G 119 -9.83 6.29 -3.86
N GLY G 120 -8.63 5.96 -4.30
CA GLY G 120 -8.49 5.00 -5.38
C GLY G 120 -8.58 3.57 -4.90
N ARG G 121 -8.03 3.30 -3.72
CA ARG G 121 -8.03 1.96 -3.19
C ARG G 121 -9.31 1.65 -2.44
N VAL G 122 -9.96 2.68 -1.92
CA VAL G 122 -11.16 2.51 -1.13
C VAL G 122 -12.34 2.16 -2.02
N THR G 123 -13.04 1.10 -1.66
CA THR G 123 -14.30 0.77 -2.29
C THR G 123 -15.44 1.24 -1.40
N ILE G 124 -16.62 1.34 -2.00
CA ILE G 124 -17.77 2.01 -1.40
C ILE G 124 -18.89 0.99 -1.24
N ALA G 125 -19.49 0.97 -0.07
CA ALA G 125 -20.55 0.02 0.18
C ALA G 125 -21.79 0.35 -0.63
N GLN G 126 -22.31 -0.64 -1.33
CA GLN G 126 -23.49 -0.49 -2.18
C GLN G 126 -23.32 0.61 -3.22
N GLY G 127 -22.13 0.77 -3.74
CA GLY G 127 -21.85 1.91 -4.58
C GLY G 127 -21.94 1.61 -6.05
N GLY G 128 -21.64 0.39 -6.42
CA GLY G 128 -21.57 0.08 -7.83
C GLY G 128 -20.30 0.63 -8.44
N VAL G 129 -20.27 0.59 -9.76
CA VAL G 129 -19.11 1.04 -10.50
C VAL G 129 -19.48 2.24 -11.34
N LEU G 130 -18.45 2.91 -11.82
CA LEU G 130 -18.63 3.96 -12.79
C LEU G 130 -18.98 3.34 -14.14
N PRO G 131 -20.11 3.68 -14.72
CA PRO G 131 -20.52 3.02 -15.96
C PRO G 131 -19.70 3.43 -17.16
N ASN G 132 -18.81 2.54 -17.57
CA ASN G 132 -17.98 2.79 -18.73
C ASN G 132 -17.65 1.46 -19.38
N ILE G 133 -17.82 1.40 -20.69
CA ILE G 133 -17.62 0.18 -21.46
C ILE G 133 -16.50 0.43 -22.46
N GLN G 134 -15.63 -0.56 -22.60
CA GLN G 134 -14.51 -0.43 -23.52
C GLN G 134 -15.03 -0.35 -24.95
N ALA G 135 -14.36 0.48 -25.75
CA ALA G 135 -14.89 0.83 -27.06
C ALA G 135 -14.77 -0.30 -28.06
N VAL G 136 -13.92 -1.28 -27.80
CA VAL G 136 -13.79 -2.41 -28.72
C VAL G 136 -14.87 -3.45 -28.46
N LEU G 137 -15.41 -3.50 -27.24
CA LEU G 137 -16.52 -4.40 -26.96
C LEU G 137 -17.80 -3.93 -27.63
N LEU G 138 -17.97 -2.63 -27.76
CA LEU G 138 -19.19 -2.09 -28.36
C LEU G 138 -19.18 -2.42 -29.83
N PRO G 139 -20.34 -2.68 -30.43
CA PRO G 139 -20.35 -2.91 -31.87
C PRO G 139 -20.14 -1.60 -32.60
N LYS G 140 -19.89 -1.73 -33.89
CA LYS G 140 -19.59 -0.59 -34.73
C LYS G 140 -20.86 0.05 -35.29
N LYS H 31 -30.50 6.13 27.90
CA LYS H 31 -29.64 5.60 28.95
C LYS H 31 -28.68 4.54 28.40
N ARG H 32 -28.84 4.23 27.11
CA ARG H 32 -27.77 3.71 26.27
C ARG H 32 -26.58 4.68 26.28
N SER H 33 -25.37 4.14 26.17
CA SER H 33 -24.23 5.02 25.98
C SER H 33 -24.21 5.49 24.53
N ARG H 34 -23.79 6.74 24.34
CA ARG H 34 -23.97 7.41 23.05
C ARG H 34 -22.76 7.25 22.13
N LYS H 35 -23.08 7.00 20.87
CA LYS H 35 -22.12 6.90 19.77
C LYS H 35 -21.54 8.26 19.39
N GLU H 36 -20.25 8.45 19.61
CA GLU H 36 -19.58 9.69 19.23
C GLU H 36 -19.25 9.63 17.75
N SER H 37 -19.88 10.50 16.97
CA SER H 37 -19.75 10.42 15.52
C SER H 37 -19.89 11.82 14.96
N TYR H 38 -19.60 11.95 13.67
CA TYR H 38 -19.61 13.24 13.00
C TYR H 38 -20.88 13.44 12.20
N SER H 39 -22.02 12.97 12.71
CA SER H 39 -23.22 12.90 11.89
C SER H 39 -23.93 14.24 11.76
N VAL H 40 -23.86 15.08 12.81
CA VAL H 40 -24.58 16.35 12.77
C VAL H 40 -23.88 17.34 11.88
N TYR H 41 -22.56 17.33 11.91
CA TYR H 41 -21.80 18.36 11.22
C TYR H 41 -21.76 18.13 9.71
N VAL H 42 -21.84 16.87 9.29
CA VAL H 42 -22.00 16.61 7.86
C VAL H 42 -23.33 17.15 7.37
N TYR H 43 -24.37 17.03 8.18
CA TYR H 43 -25.65 17.60 7.80
C TYR H 43 -25.64 19.11 7.82
N LYS H 44 -24.90 19.70 8.76
CA LYS H 44 -24.78 21.16 8.77
C LYS H 44 -24.07 21.67 7.53
N VAL H 45 -23.00 20.99 7.14
CA VAL H 45 -22.30 21.34 5.92
C VAL H 45 -23.20 21.15 4.71
N LEU H 46 -24.01 20.10 4.72
CA LEU H 46 -24.88 19.84 3.59
C LEU H 46 -25.94 20.92 3.46
N LYS H 47 -26.50 21.36 4.57
CA LYS H 47 -27.47 22.45 4.53
C LYS H 47 -26.81 23.78 4.21
N GLN H 48 -25.52 23.92 4.49
CA GLN H 48 -24.82 25.11 4.02
C GLN H 48 -24.63 25.08 2.51
N VAL H 49 -24.41 23.90 1.95
CA VAL H 49 -24.03 23.80 0.54
C VAL H 49 -25.17 23.34 -0.34
N HIS H 50 -26.18 22.68 0.20
CA HIS H 50 -27.26 22.13 -0.59
C HIS H 50 -28.50 22.07 0.29
N PRO H 51 -29.34 23.10 0.25
CA PRO H 51 -30.45 23.17 1.21
C PRO H 51 -31.62 22.27 0.85
N ASP H 52 -31.79 21.93 -0.42
CA ASP H 52 -32.99 21.23 -0.85
C ASP H 52 -32.90 19.72 -0.73
N THR H 53 -31.73 19.15 -1.00
CA THR H 53 -31.61 17.70 -1.06
C THR H 53 -31.34 17.13 0.31
N GLY H 54 -32.00 16.01 0.61
CA GLY H 54 -31.77 15.29 1.84
C GLY H 54 -30.70 14.23 1.68
N ILE H 55 -30.47 13.52 2.78
CA ILE H 55 -29.44 12.49 2.83
C ILE H 55 -30.01 11.25 3.52
N SER H 56 -29.46 10.10 3.17
CA SER H 56 -29.84 8.86 3.82
C SER H 56 -29.14 8.76 5.16
N SER H 57 -29.33 7.63 5.84
CA SER H 57 -28.60 7.33 7.05
C SER H 57 -27.33 6.56 6.74
N LYS H 58 -27.39 5.63 5.79
CA LYS H 58 -26.22 4.84 5.45
C LYS H 58 -25.18 5.67 4.71
N ALA H 59 -25.62 6.67 3.96
CA ALA H 59 -24.68 7.60 3.38
C ALA H 59 -24.07 8.50 4.45
N MET H 60 -24.82 8.80 5.51
CA MET H 60 -24.23 9.53 6.63
C MET H 60 -23.18 8.69 7.34
N GLY H 61 -23.42 7.39 7.44
CA GLY H 61 -22.40 6.53 8.01
C GLY H 61 -21.17 6.44 7.14
N ILE H 62 -21.37 6.47 5.82
CA ILE H 62 -20.24 6.49 4.90
C ILE H 62 -19.44 7.77 5.06
N MET H 63 -20.13 8.88 5.22
CA MET H 63 -19.42 10.13 5.42
C MET H 63 -18.67 10.14 6.75
N ASN H 64 -19.24 9.51 7.77
CA ASN H 64 -18.54 9.41 9.04
C ASN H 64 -17.28 8.56 8.91
N SER H 65 -17.38 7.44 8.21
CA SER H 65 -16.21 6.59 8.00
C SER H 65 -15.16 7.29 7.15
N PHE H 66 -15.59 8.09 6.19
CA PHE H 66 -14.66 8.83 5.36
C PHE H 66 -13.93 9.90 6.16
N VAL H 67 -14.66 10.59 7.02
CA VAL H 67 -14.05 11.59 7.88
C VAL H 67 -13.03 10.96 8.81
N ASN H 68 -13.36 9.81 9.38
CA ASN H 68 -12.39 9.14 10.25
C ASN H 68 -11.18 8.62 9.49
N ASP H 69 -11.40 8.13 8.27
CA ASP H 69 -10.28 7.68 7.44
C ASP H 69 -9.32 8.82 7.11
N ILE H 70 -9.86 9.95 6.70
CA ILE H 70 -8.98 11.07 6.35
C ILE H 70 -8.32 11.64 7.58
N PHE H 71 -9.00 11.64 8.72
CA PHE H 71 -8.37 12.07 9.95
C PHE H 71 -7.21 11.18 10.33
N GLU H 72 -7.39 9.87 10.16
CA GLU H 72 -6.31 8.94 10.44
C GLU H 72 -5.13 9.13 9.51
N ARG H 73 -5.39 9.36 8.22
CA ARG H 73 -4.30 9.55 7.29
C ARG H 73 -3.49 10.79 7.63
N ILE H 74 -4.18 11.90 7.87
CA ILE H 74 -3.50 13.15 8.11
C ILE H 74 -2.78 13.13 9.44
N ALA H 75 -3.38 12.54 10.47
CA ALA H 75 -2.72 12.53 11.76
C ALA H 75 -1.54 11.56 11.76
N GLY H 76 -1.62 10.49 10.98
CA GLY H 76 -0.48 9.60 10.91
C GLY H 76 0.70 10.21 10.19
N GLU H 77 0.46 10.92 9.10
CA GLU H 77 1.57 11.59 8.45
C GLU H 77 2.13 12.71 9.32
N ALA H 78 1.26 13.41 10.07
CA ALA H 78 1.79 14.45 10.95
C ALA H 78 2.62 13.87 12.07
N SER H 79 2.22 12.71 12.59
CA SER H 79 2.97 12.07 13.65
C SER H 79 4.33 11.60 13.16
N ARG H 80 4.36 10.95 12.01
CA ARG H 80 5.64 10.48 11.52
C ARG H 80 6.53 11.61 11.04
N LEU H 81 5.95 12.74 10.63
CA LEU H 81 6.78 13.89 10.30
C LEU H 81 7.38 14.52 11.55
N ALA H 82 6.60 14.61 12.63
CA ALA H 82 7.17 15.12 13.86
C ALA H 82 8.23 14.19 14.41
N HIS H 83 8.13 12.90 14.11
CA HIS H 83 9.17 11.98 14.54
C HIS H 83 10.40 12.06 13.65
N TYR H 84 10.23 12.27 12.35
CA TYR H 84 11.40 12.34 11.48
C TYR H 84 12.22 13.59 11.75
N ASN H 85 11.61 14.64 12.28
CA ASN H 85 12.32 15.85 12.63
C ASN H 85 12.58 15.94 14.12
N LYS H 86 12.24 14.89 14.87
CA LYS H 86 12.40 14.88 16.31
C LYS H 86 11.65 16.03 16.98
N ARG H 87 10.45 16.30 16.50
CA ARG H 87 9.57 17.28 17.10
C ARG H 87 8.56 16.57 17.99
N SER H 88 8.45 17.02 19.23
CA SER H 88 7.50 16.44 20.16
C SER H 88 6.14 17.12 20.10
N THR H 89 5.99 18.15 19.27
CA THR H 89 4.76 18.92 19.16
C THR H 89 4.32 18.96 17.70
N ILE H 90 3.08 18.56 17.46
CA ILE H 90 2.47 18.70 16.15
C ILE H 90 1.78 20.05 16.08
N THR H 91 2.33 20.96 15.30
CA THR H 91 1.71 22.24 15.04
C THR H 91 1.07 22.22 13.66
N SER H 92 0.61 23.39 13.21
CA SER H 92 -0.12 23.46 11.96
C SER H 92 0.79 23.28 10.76
N ARG H 93 2.09 23.47 10.94
CA ARG H 93 3.03 23.27 9.83
C ARG H 93 3.05 21.82 9.40
N GLU H 94 3.05 20.91 10.37
CA GLU H 94 3.08 19.50 10.06
C GLU H 94 1.80 19.08 9.35
N ILE H 95 0.68 19.64 9.78
CA ILE H 95 -0.57 19.32 9.14
C ILE H 95 -0.59 19.86 7.72
N GLN H 96 -0.01 21.03 7.53
CA GLN H 96 0.03 21.65 6.22
C GLN H 96 0.91 20.84 5.28
N THR H 97 2.04 20.36 5.79
CA THR H 97 2.91 19.54 4.98
C THR H 97 2.26 18.21 4.65
N ALA H 98 1.53 17.64 5.59
CA ALA H 98 0.86 16.38 5.32
C ALA H 98 -0.27 16.56 4.31
N VAL H 99 -0.95 17.68 4.38
CA VAL H 99 -1.96 18.00 3.39
C VAL H 99 -1.33 18.12 2.01
N ARG H 100 -0.20 18.79 1.92
CA ARG H 100 0.49 18.87 0.64
C ARG H 100 1.01 17.52 0.20
N LEU H 101 1.22 16.60 1.13
CA LEU H 101 1.68 15.28 0.78
C LEU H 101 0.57 14.42 0.21
N LEU H 102 -0.55 14.34 0.91
CA LEU H 102 -1.57 13.36 0.55
C LEU H 102 -2.43 13.86 -0.59
N LEU H 103 -3.03 15.03 -0.42
CA LEU H 103 -4.05 15.46 -1.32
C LEU H 103 -3.44 15.93 -2.62
N PRO H 104 -3.78 15.33 -3.75
CA PRO H 104 -3.13 15.66 -5.01
C PRO H 104 -3.86 16.78 -5.74
N GLY H 105 -3.10 17.47 -6.58
CA GLY H 105 -3.68 18.46 -7.46
C GLY H 105 -4.03 19.75 -6.74
N GLU H 106 -5.08 20.40 -7.24
CA GLU H 106 -5.49 21.68 -6.69
C GLU H 106 -6.14 21.53 -5.34
N LEU H 107 -6.54 20.32 -4.99
CA LEU H 107 -7.11 20.06 -3.66
C LEU H 107 -6.13 20.46 -2.58
N ALA H 108 -4.85 20.27 -2.83
CA ALA H 108 -3.83 20.60 -1.85
C ALA H 108 -3.83 22.09 -1.55
N LYS H 109 -3.69 22.91 -2.58
CA LYS H 109 -3.59 24.34 -2.35
C LYS H 109 -4.92 24.95 -1.94
N HIS H 110 -6.03 24.39 -2.39
CA HIS H 110 -7.33 24.86 -1.92
C HIS H 110 -7.48 24.58 -0.43
N ALA H 111 -7.08 23.39 0.00
CA ALA H 111 -7.17 23.04 1.41
C ALA H 111 -6.22 23.88 2.25
N VAL H 112 -5.04 24.18 1.72
CA VAL H 112 -4.10 25.00 2.46
C VAL H 112 -4.64 26.42 2.59
N SER H 113 -5.26 26.93 1.54
CA SER H 113 -5.84 28.26 1.61
C SER H 113 -6.99 28.30 2.61
N GLU H 114 -7.82 27.25 2.63
CA GLU H 114 -8.87 27.18 3.63
C GLU H 114 -8.30 27.12 5.04
N GLY H 115 -7.24 26.35 5.21
CA GLY H 115 -6.66 26.21 6.53
C GLY H 115 -6.05 27.50 7.03
N THR H 116 -5.27 28.17 6.20
CA THR H 116 -4.68 29.42 6.62
C THR H 116 -5.73 30.49 6.84
N LYS H 117 -6.81 30.45 6.06
CA LYS H 117 -7.94 31.32 6.36
C LYS H 117 -8.51 31.02 7.73
N ALA H 118 -8.55 29.74 8.09
CA ALA H 118 -9.11 29.34 9.37
C ALA H 118 -8.23 29.79 10.52
N VAL H 119 -6.92 29.66 10.39
CA VAL H 119 -6.08 30.07 11.51
C VAL H 119 -5.99 31.57 11.59
N THR H 120 -6.11 32.27 10.48
CA THR H 120 -6.15 33.72 10.55
C THR H 120 -7.44 34.20 11.19
N LYS H 121 -8.53 33.48 10.92
CA LYS H 121 -9.79 33.76 11.61
C LYS H 121 -9.67 33.49 13.11
N TYR H 122 -9.01 32.38 13.47
CA TYR H 122 -8.94 31.99 14.86
C TYR H 122 -7.98 32.84 15.66
N THR H 123 -6.97 33.39 15.00
CA THR H 123 -5.99 34.22 15.69
C THR H 123 -6.37 35.69 15.69
N SER H 124 -7.16 36.11 14.70
CA SER H 124 -7.62 37.48 14.68
C SER H 124 -8.62 37.75 15.79
N ALA H 125 -9.42 36.75 16.13
CA ALA H 125 -10.41 36.88 17.20
C ALA H 125 -9.71 36.77 18.55
N SER K 17 38.22 30.34 -24.46
CA SER K 17 36.78 30.57 -24.38
C SER K 17 36.45 31.56 -23.27
N GLY K 18 37.49 32.11 -22.64
CA GLY K 18 37.30 33.07 -21.57
C GLY K 18 37.18 32.47 -20.18
N HIS K 19 37.07 31.15 -20.07
CA HIS K 19 36.93 30.51 -18.76
C HIS K 19 38.27 30.50 -18.04
N ILE K 20 38.29 31.06 -16.84
CA ILE K 20 39.47 31.03 -15.98
C ILE K 20 39.56 29.65 -15.34
N LYS K 21 40.68 28.99 -15.56
CA LYS K 21 40.90 27.66 -15.00
C LYS K 21 41.34 27.77 -13.55
N ARG K 22 41.12 26.68 -12.80
CA ARG K 22 41.64 26.61 -11.46
C ARG K 22 43.17 26.46 -11.50
N PRO K 23 43.89 27.11 -10.58
CA PRO K 23 45.34 26.89 -10.52
C PRO K 23 45.67 25.51 -9.99
N MET K 24 46.80 24.98 -10.44
CA MET K 24 47.21 23.64 -10.05
C MET K 24 47.67 23.62 -8.61
N ASN K 25 47.33 22.55 -7.91
CA ASN K 25 47.85 22.33 -6.57
C ASN K 25 49.14 21.51 -6.65
N ALA K 26 49.59 20.99 -5.51
CA ALA K 26 50.81 20.19 -5.49
C ALA K 26 50.61 18.85 -6.17
N PHE K 27 49.50 18.17 -5.87
CA PHE K 27 49.31 16.82 -6.37
C PHE K 27 49.06 16.80 -7.86
N MET K 28 48.43 17.83 -8.42
CA MET K 28 48.12 17.79 -9.85
C MET K 28 49.39 17.95 -10.68
N VAL K 29 50.28 18.88 -10.30
CA VAL K 29 51.52 19.02 -11.07
C VAL K 29 52.46 17.86 -10.79
N TRP K 30 52.41 17.32 -9.57
CA TRP K 30 53.24 16.16 -9.26
C TRP K 30 52.80 14.94 -10.06
N SER K 31 51.50 14.69 -10.08
CA SER K 31 50.97 13.58 -10.85
C SER K 31 51.08 13.83 -12.34
N LYS K 32 51.10 15.10 -12.77
CA LYS K 32 51.29 15.39 -14.18
C LYS K 32 52.69 14.98 -14.63
N ILE K 33 53.71 15.42 -13.90
CA ILE K 33 55.07 15.09 -14.33
C ILE K 33 55.35 13.61 -14.10
N GLU K 34 54.76 13.01 -13.07
CA GLU K 34 55.04 11.61 -12.78
C GLU K 34 54.25 10.68 -13.69
N ARG K 35 53.08 11.13 -14.15
CA ARG K 35 52.32 10.39 -15.14
C ARG K 35 52.96 10.49 -16.51
N ARG K 36 53.56 11.63 -16.82
CA ARG K 36 54.35 11.71 -18.05
C ARG K 36 55.58 10.81 -17.97
N LYS K 37 56.18 10.71 -16.79
CA LYS K 37 57.28 9.79 -16.58
C LYS K 37 56.85 8.34 -16.78
N ILE K 38 55.72 7.96 -16.18
CA ILE K 38 55.25 6.60 -16.29
C ILE K 38 54.83 6.26 -17.72
N MET K 39 54.25 7.23 -18.45
CA MET K 39 53.90 7.03 -19.84
C MET K 39 55.08 7.08 -20.80
N GLU K 40 56.22 7.61 -20.39
CA GLU K 40 57.40 7.42 -21.22
C GLU K 40 58.23 6.21 -20.83
N GLN K 41 57.97 5.60 -19.67
CA GLN K 41 58.64 4.35 -19.34
C GLN K 41 57.76 3.12 -19.54
N SER K 42 56.44 3.23 -19.42
CA SER K 42 55.56 2.08 -19.50
C SER K 42 54.54 2.24 -20.62
N PRO K 43 54.51 1.35 -21.60
CA PRO K 43 53.38 1.30 -22.54
C PRO K 43 52.29 0.36 -22.06
N ASP K 44 51.11 0.52 -22.67
CA ASP K 44 49.95 -0.34 -22.44
C ASP K 44 49.56 -0.34 -20.96
N MET K 45 49.11 0.83 -20.52
CA MET K 45 48.67 1.02 -19.15
C MET K 45 47.48 1.98 -19.14
N HIS K 46 46.42 1.59 -18.42
CA HIS K 46 45.21 2.39 -18.39
C HIS K 46 45.31 3.49 -17.33
N ASN K 47 44.76 4.66 -17.66
CA ASN K 47 45.07 5.87 -16.92
C ASN K 47 44.38 5.90 -15.56
N ALA K 48 43.28 5.16 -15.39
CA ALA K 48 42.64 5.11 -14.10
C ALA K 48 43.51 4.37 -13.09
N GLU K 49 44.14 3.28 -13.53
CA GLU K 49 45.04 2.56 -12.65
C GLU K 49 46.31 3.37 -12.41
N ILE K 50 46.70 4.16 -13.39
CA ILE K 50 47.81 5.09 -13.20
C ILE K 50 47.49 6.07 -12.09
N SER K 51 46.30 6.66 -12.14
CA SER K 51 45.96 7.66 -11.14
C SER K 51 45.74 7.04 -9.78
N LYS K 52 45.26 5.80 -9.75
CA LYS K 52 45.17 5.08 -8.49
C LYS K 52 46.54 4.86 -7.88
N ARG K 53 47.50 4.44 -8.70
CA ARG K 53 48.85 4.24 -8.18
C ARG K 53 49.50 5.55 -7.80
N LEU K 54 49.17 6.64 -8.49
CA LEU K 54 49.79 7.92 -8.19
C LEU K 54 49.25 8.46 -6.88
N GLY K 55 47.95 8.29 -6.64
CA GLY K 55 47.41 8.64 -5.34
C GLY K 55 47.97 7.79 -4.22
N LYS K 56 48.17 6.50 -4.50
CA LYS K 56 48.77 5.63 -3.50
C LYS K 56 50.20 6.07 -3.15
N ARG K 57 50.98 6.43 -4.16
CA ARG K 57 52.36 6.81 -3.90
C ARG K 57 52.42 8.18 -3.25
N TRP K 58 51.51 9.08 -3.61
CA TRP K 58 51.47 10.38 -2.98
C TRP K 58 51.04 10.28 -1.52
N LYS K 59 50.23 9.28 -1.18
CA LYS K 59 49.91 9.11 0.24
C LYS K 59 50.97 8.31 0.99
N MET K 60 51.86 7.59 0.32
CA MET K 60 52.98 7.02 1.06
C MET K 60 54.25 7.87 0.99
N LEU K 61 54.21 9.04 0.35
CA LEU K 61 55.33 9.97 0.49
C LEU K 61 55.33 10.59 1.88
N LYS K 62 56.53 10.85 2.39
CA LYS K 62 56.65 11.64 3.60
C LYS K 62 56.39 13.12 3.29
N ASP K 63 56.01 13.86 4.32
CA ASP K 63 55.77 15.30 4.15
C ASP K 63 57.06 16.06 3.87
N SER K 64 58.21 15.45 4.19
CA SER K 64 59.49 16.10 3.94
C SER K 64 59.81 16.18 2.46
N GLU K 65 59.12 15.43 1.62
CA GLU K 65 59.39 15.38 0.19
C GLU K 65 58.46 16.26 -0.64
N LYS K 66 57.47 16.89 -0.01
CA LYS K 66 56.41 17.59 -0.73
C LYS K 66 56.48 19.10 -0.61
N ILE K 67 57.41 19.64 0.19
CA ILE K 67 57.42 21.09 0.42
C ILE K 67 57.71 21.88 -0.83
N PRO K 68 58.57 21.44 -1.76
CA PRO K 68 58.66 22.16 -3.04
C PRO K 68 57.38 22.24 -3.83
N PHE K 69 56.56 21.18 -3.81
CA PHE K 69 55.32 21.22 -4.57
C PHE K 69 54.29 22.14 -3.94
N ILE K 70 54.17 22.09 -2.61
CA ILE K 70 53.21 22.97 -1.95
C ILE K 70 53.69 24.41 -2.00
N ARG K 71 55.01 24.62 -1.97
CA ARG K 71 55.51 25.99 -2.10
C ARG K 71 55.27 26.53 -3.51
N GLU K 72 55.44 25.69 -4.52
CA GLU K 72 55.15 26.12 -5.88
C GLU K 72 53.66 26.40 -6.07
N ALA K 73 52.82 25.59 -5.44
CA ALA K 73 51.39 25.85 -5.48
C ALA K 73 51.06 27.17 -4.77
N GLU K 74 51.80 27.48 -3.69
CA GLU K 74 51.60 28.75 -3.01
C GLU K 74 52.06 29.91 -3.88
N ARG K 75 53.09 29.69 -4.69
CA ARG K 75 53.48 30.73 -5.64
C ARG K 75 52.42 30.95 -6.70
N LEU K 76 51.79 29.87 -7.16
CA LEU K 76 50.67 30.03 -8.07
C LEU K 76 49.50 30.72 -7.42
N ARG K 77 49.28 30.48 -6.12
CA ARG K 77 48.18 31.15 -5.43
C ARG K 77 48.45 32.64 -5.27
N LEU K 78 49.68 33.01 -4.95
CA LEU K 78 49.97 34.43 -4.83
C LEU K 78 49.98 35.10 -6.20
N LYS K 79 50.41 34.39 -7.24
CA LYS K 79 50.28 34.91 -8.59
C LYS K 79 48.82 35.08 -9.00
N HIS K 80 47.96 34.17 -8.55
CA HIS K 80 46.55 34.26 -8.88
C HIS K 80 45.88 35.43 -8.15
N MET K 81 46.24 35.65 -6.88
CA MET K 81 45.62 36.74 -6.14
C MET K 81 46.20 38.08 -6.59
N ALA K 82 47.45 38.11 -7.05
CA ALA K 82 48.00 39.34 -7.59
C ALA K 82 47.50 39.60 -9.00
N ASP K 83 47.10 38.55 -9.72
CA ASP K 83 46.58 38.71 -11.07
C ASP K 83 45.12 39.12 -11.06
N TYR K 84 44.36 38.63 -10.08
CA TYR K 84 42.95 38.99 -9.91
C TYR K 84 42.71 39.27 -8.43
N PRO K 85 42.88 40.52 -8.00
CA PRO K 85 42.68 40.82 -6.58
C PRO K 85 41.21 40.97 -6.21
N ASP K 86 40.37 41.37 -7.16
CA ASP K 86 38.94 41.54 -6.91
C ASP K 86 38.15 40.33 -7.37
N TYR K 87 38.76 39.16 -7.29
CA TYR K 87 38.14 37.92 -7.76
C TYR K 87 37.35 37.25 -6.64
N LYS K 88 36.17 36.75 -6.99
CA LYS K 88 35.34 35.97 -6.09
C LYS K 88 34.65 34.89 -6.91
N TYR K 89 34.61 33.68 -6.37
CA TYR K 89 34.03 32.56 -7.10
C TYR K 89 32.52 32.73 -7.20
N ARG K 90 31.99 32.50 -8.40
CA ARG K 90 30.57 32.66 -8.68
C ARG K 90 30.08 31.43 -9.43
N PRO K 91 29.47 30.47 -8.73
CA PRO K 91 28.90 29.30 -9.43
C PRO K 91 27.59 29.66 -10.12
N ARG K 92 27.45 29.20 -11.36
CA ARG K 92 26.31 29.52 -12.20
C ARG K 92 25.62 28.24 -12.63
N LYS K 93 24.45 28.41 -13.26
CA LYS K 93 23.72 27.30 -13.84
C LYS K 93 23.58 27.49 -15.34
N SER L 17 -42.77 1.93 13.74
CA SER L 17 -41.48 2.35 13.20
C SER L 17 -41.56 2.62 11.70
N GLY L 18 -42.77 2.52 11.15
CA GLY L 18 -42.99 2.74 9.74
C GLY L 18 -42.84 1.52 8.87
N HIS L 19 -42.35 0.40 9.42
CA HIS L 19 -42.15 -0.81 8.62
C HIS L 19 -43.50 -1.48 8.36
N ILE L 20 -43.81 -1.69 7.09
CA ILE L 20 -45.00 -2.43 6.69
C ILE L 20 -44.75 -3.92 6.86
N LYS L 21 -45.59 -4.58 7.65
CA LYS L 21 -45.44 -6.01 7.89
C LYS L 21 -46.07 -6.80 6.74
N ARG L 22 -45.61 -8.04 6.58
CA ARG L 22 -46.24 -8.93 5.62
C ARG L 22 -47.63 -9.33 6.12
N PRO L 23 -48.62 -9.45 5.23
CA PRO L 23 -49.92 -9.94 5.65
C PRO L 23 -49.88 -11.42 5.99
N MET L 24 -50.74 -11.82 6.91
CA MET L 24 -50.77 -13.21 7.37
C MET L 24 -51.35 -14.11 6.30
N ASN L 25 -50.76 -15.30 6.17
CA ASN L 25 -51.33 -16.32 5.30
C ASN L 25 -52.29 -17.18 6.12
N ALA L 26 -52.69 -18.32 5.54
CA ALA L 26 -53.61 -19.22 6.23
C ALA L 26 -52.95 -19.91 7.43
N PHE L 27 -51.74 -20.42 7.24
CA PHE L 27 -51.14 -21.23 8.29
C PHE L 27 -50.74 -20.37 9.47
N MET L 28 -50.39 -19.11 9.25
CA MET L 28 -49.94 -18.28 10.38
C MET L 28 -51.10 -17.94 11.30
N VAL L 29 -52.25 -17.57 10.74
CA VAL L 29 -53.38 -17.26 11.61
C VAL L 29 -53.96 -18.54 12.21
N TRP L 30 -53.88 -19.64 11.45
CA TRP L 30 -54.36 -20.91 11.98
C TRP L 30 -53.50 -21.37 13.13
N SER L 31 -52.18 -21.31 12.97
CA SER L 31 -51.26 -21.69 14.03
C SER L 31 -51.30 -20.68 15.16
N LYS L 32 -51.66 -19.44 14.87
CA LYS L 32 -51.81 -18.45 15.93
C LYS L 32 -52.95 -18.82 16.87
N ILE L 33 -54.12 -19.08 16.29
CA ILE L 33 -55.27 -19.38 17.14
C ILE L 33 -55.13 -20.76 17.77
N GLU L 34 -54.48 -21.69 17.06
CA GLU L 34 -54.35 -23.03 17.61
C GLU L 34 -53.24 -23.13 18.62
N ARG L 35 -52.22 -22.28 18.51
CA ARG L 35 -51.18 -22.20 19.51
C ARG L 35 -51.67 -21.49 20.75
N ARG L 36 -52.55 -20.49 20.58
CA ARG L 36 -53.19 -19.90 21.75
C ARG L 36 -54.09 -20.92 22.45
N LYS L 37 -54.75 -21.77 21.66
CA LYS L 37 -55.55 -22.86 22.22
C LYS L 37 -54.68 -23.83 23.01
N ILE L 38 -53.57 -24.24 22.43
CA ILE L 38 -52.69 -25.21 23.08
C ILE L 38 -52.06 -24.60 24.34
N MET L 39 -51.72 -23.32 24.31
CA MET L 39 -51.19 -22.63 25.49
C MET L 39 -52.23 -22.30 26.53
N GLU L 40 -53.51 -22.32 26.20
CA GLU L 40 -54.51 -22.25 27.27
C GLU L 40 -54.98 -23.61 27.75
N GLN L 41 -54.67 -24.69 27.04
CA GLN L 41 -54.98 -26.02 27.58
C GLN L 41 -53.77 -26.74 28.15
N SER L 42 -52.55 -26.46 27.67
CA SER L 42 -51.36 -27.19 28.11
C SER L 42 -50.35 -26.23 28.71
N PRO L 43 -49.95 -26.39 29.97
CA PRO L 43 -48.78 -25.68 30.49
C PRO L 43 -47.49 -26.48 30.33
N ASP L 44 -46.37 -25.77 30.44
CA ASP L 44 -45.03 -26.37 30.40
C ASP L 44 -44.81 -27.12 29.08
N MET L 45 -44.77 -26.34 28.00
CA MET L 45 -44.53 -26.87 26.66
C MET L 45 -43.69 -25.88 25.88
N HIS L 46 -42.63 -26.37 25.23
CA HIS L 46 -41.74 -25.48 24.51
C HIS L 46 -42.27 -25.21 23.11
N ASN L 47 -42.11 -23.97 22.66
CA ASN L 47 -42.86 -23.53 21.49
C ASN L 47 -42.31 -24.09 20.20
N ALA L 48 -41.05 -24.50 20.18
CA ALA L 48 -40.52 -25.13 18.98
C ALA L 48 -41.21 -26.46 18.74
N GLU L 49 -41.44 -27.21 19.81
CA GLU L 49 -42.16 -28.47 19.68
C GLU L 49 -43.63 -28.21 19.37
N ILE L 50 -44.16 -27.10 19.87
CA ILE L 50 -45.51 -26.69 19.51
C ILE L 50 -45.62 -26.46 18.02
N SER L 51 -44.67 -25.72 17.46
CA SER L 51 -44.74 -25.38 16.05
C SER L 51 -44.47 -26.60 15.19
N LYS L 52 -43.65 -27.52 15.69
CA LYS L 52 -43.47 -28.78 14.99
C LYS L 52 -44.77 -29.56 14.92
N ARG L 53 -45.49 -29.61 16.04
CA ARG L 53 -46.77 -30.32 16.04
C ARG L 53 -47.82 -29.60 15.22
N LEU L 54 -47.75 -28.27 15.16
CA LEU L 54 -48.74 -27.53 14.41
C LEU L 54 -48.52 -27.70 12.92
N GLY L 55 -47.26 -27.71 12.50
CA GLY L 55 -46.97 -28.02 11.11
C GLY L 55 -47.34 -29.44 10.75
N LYS L 56 -47.13 -30.38 11.68
CA LYS L 56 -47.53 -31.76 11.43
C LYS L 56 -49.04 -31.87 11.26
N ARG L 57 -49.79 -31.17 12.10
CA ARG L 57 -51.24 -31.28 12.02
C ARG L 57 -51.77 -30.55 10.81
N TRP L 58 -51.14 -29.44 10.44
CA TRP L 58 -51.55 -28.72 9.24
C TRP L 58 -51.25 -29.52 7.99
N LYS L 59 -50.22 -30.35 8.00
CA LYS L 59 -50.01 -31.20 6.82
C LYS L 59 -50.84 -32.47 6.86
N MET L 60 -51.42 -32.86 7.99
CA MET L 60 -52.39 -33.95 7.94
C MET L 60 -53.83 -33.47 7.88
N LEU L 61 -54.08 -32.17 7.80
CA LEU L 61 -55.43 -31.71 7.47
C LEU L 61 -55.74 -31.96 6.01
N LYS L 62 -57.01 -32.27 5.73
CA LYS L 62 -57.47 -32.31 4.36
C LYS L 62 -57.63 -30.88 3.82
N ASP L 63 -57.58 -30.76 2.49
CA ASP L 63 -57.78 -29.46 1.86
C ASP L 63 -59.20 -28.93 2.01
N SER L 64 -60.15 -29.83 2.30
CA SER L 64 -61.54 -29.44 2.50
C SER L 64 -61.70 -28.66 3.78
N GLU L 65 -60.70 -28.71 4.66
CA GLU L 65 -60.76 -28.09 5.96
C GLU L 65 -60.06 -26.73 6.00
N LYS L 66 -59.42 -26.31 4.90
CA LYS L 66 -58.58 -25.13 4.87
C LYS L 66 -59.13 -23.97 4.06
N ILE L 67 -60.26 -24.15 3.37
CA ILE L 67 -60.74 -23.10 2.47
C ILE L 67 -61.12 -21.81 3.19
N PRO L 68 -61.70 -21.84 4.40
CA PRO L 68 -61.87 -20.58 5.13
C PRO L 68 -60.59 -19.83 5.42
N PHE L 69 -59.50 -20.53 5.74
CA PHE L 69 -58.26 -19.82 6.06
C PHE L 69 -57.63 -19.21 4.81
N ILE L 70 -57.61 -19.95 3.70
CA ILE L 70 -57.04 -19.40 2.47
C ILE L 70 -57.94 -18.31 1.90
N ARG L 71 -59.26 -18.43 2.09
CA ARG L 71 -60.13 -17.36 1.62
C ARG L 71 -59.92 -16.10 2.46
N GLU L 72 -59.73 -16.25 3.77
CA GLU L 72 -59.46 -15.10 4.61
C GLU L 72 -58.10 -14.48 4.25
N ALA L 73 -57.12 -15.32 3.93
CA ALA L 73 -55.83 -14.80 3.47
C ALA L 73 -55.98 -14.07 2.14
N GLU L 74 -56.88 -14.55 1.27
CA GLU L 74 -57.13 -13.86 0.01
C GLU L 74 -57.83 -12.53 0.26
N ARG L 75 -58.66 -12.46 1.30
CA ARG L 75 -59.26 -11.18 1.67
C ARG L 75 -58.20 -10.21 2.18
N LEU L 76 -57.24 -10.70 2.95
CA LEU L 76 -56.14 -9.84 3.35
C LEU L 76 -55.29 -9.42 2.17
N ARG L 77 -55.14 -10.28 1.16
CA ARG L 77 -54.36 -9.89 -0.01
C ARG L 77 -55.07 -8.83 -0.83
N LEU L 78 -56.39 -8.95 -0.98
CA LEU L 78 -57.10 -7.91 -1.73
C LEU L 78 -57.17 -6.62 -0.92
N LYS L 79 -57.26 -6.71 0.41
CA LYS L 79 -57.16 -5.52 1.24
C LYS L 79 -55.79 -4.86 1.14
N HIS L 80 -54.74 -5.67 1.02
CA HIS L 80 -53.40 -5.14 0.89
C HIS L 80 -53.19 -4.47 -0.46
N MET L 81 -53.71 -5.05 -1.53
CA MET L 81 -53.52 -4.45 -2.84
C MET L 81 -54.41 -3.23 -3.01
N ALA L 82 -55.57 -3.20 -2.34
CA ALA L 82 -56.41 -2.02 -2.38
C ALA L 82 -55.88 -0.92 -1.47
N ASP L 83 -55.11 -1.30 -0.44
CA ASP L 83 -54.55 -0.33 0.47
C ASP L 83 -53.28 0.29 -0.09
N TYR L 84 -52.50 -0.49 -0.83
CA TYR L 84 -51.29 -0.03 -1.49
C TYR L 84 -51.28 -0.56 -2.91
N PRO L 85 -51.88 0.17 -3.86
CA PRO L 85 -51.91 -0.32 -5.24
C PRO L 85 -50.60 -0.13 -5.99
N ASP L 86 -49.82 0.88 -5.61
CA ASP L 86 -48.55 1.17 -6.25
C ASP L 86 -47.38 0.59 -5.46
N TYR L 87 -47.62 -0.53 -4.78
CA TYR L 87 -46.63 -1.14 -3.92
C TYR L 87 -45.76 -2.14 -4.68
N LYS L 88 -44.46 -2.08 -4.40
CA LYS L 88 -43.52 -3.06 -4.94
C LYS L 88 -42.44 -3.37 -3.91
#